data_4CI6
#
_entry.id   4CI6
#
_cell.length_a   70.799
_cell.length_b   121.850
_cell.length_c   89.339
_cell.angle_alpha   90.00
_cell.angle_beta   94.87
_cell.angle_gamma   90.00
#
_symmetry.space_group_name_H-M   'P 1 21 1'
#
loop_
_entity.id
_entity.type
_entity.pdbx_description
1 polymer ACTIN
2 polymer 'PROTEIN KINASE YOPO'
3 non-polymer "ADENOSINE-5'-TRIPHOSPHATE"
4 non-polymer 'CALCIUM ION'
5 water water
#
loop_
_entity_poly.entity_id
_entity_poly.type
_entity_poly.pdbx_seq_one_letter_code
_entity_poly.pdbx_strand_id
1 'polypeptide(L)'
;MCDDDVAALVVDNGSGMCKAGFAGDDAPRAVFPSIVGRPRHQGVMVGMGQKDSYVGDEAQSKRGILTLKYPIEHGIITNW
DDMEKIWHHTFYNELRVAPEEHPVLLTEAPLNPKANREKMTQIMFETFNSPAMHVAIQAVLSLYASGRTTGIVLDSGDGV
SHTVPIYEGYALPHAILRLDLAGRDLTDYLMKILTERGYSFTTTAEREIVRDIKEKLCYVALDFEQEMATAAASTSLEKS
YELPDGQVIAIGNERFRCPEALFQPSFLGMESCGIHETVYNSIMKCDVDIRKDLYANTVMSGGTTMYPGIADRMQKEITA
LAPSTIKTKIIAPPERKYSVWIGGSILASLSTFQQMWISKEEYDESGPGIVHRKCF
;
A
2 'polypeptide(L)'
;GPTSQELRSDIPNALSNLFGAKPQTELPLGWKGKPLSGAPDLEGMRVAETDKFAEGESHISIIETKDKQRLVAKIERSIA
EGHLFAELEAYKHIYKTAGKHPNLANVHGMAVVPYGNRYYYALLMDEVDGWRCSDTLRSLADSWKQGKINSEAYWGTIKF
IAHRLLDVTNHLAKAGIVHNDIKPGNVVFDRASGEPVVIDLGLHSRSGEQPKGFTESFKAPELGVGNLGASEKSDVFLVV
STLLHGIEGFEKDPEIKPNQGLRFITSEPAHVMDENGYPIHRPGIAGVETAYTRFITDILGVSADSRPDSNEARLHEFLS
DGTIDEESAKQILKDTLTGEMSPLPTDVRRITPYYLRELSDLLRTHLSSAATKQLDMGVVLSDLDTMLVALDKAEREGGV
DKDQLKSFNSLILKTYSVIGAYIKGREGDTKSSSTEVSPYHRSNFMLSIVEPSLQRIQKHLDQTHSFSDIGSLMRAHKHL
ETLLEVLVTLSQQGQPVSSETYSFLNRLAEAKVTLSQQLNTLQQQQESAKAQLSILINRSGSWADVARQSLQRFDSTRPV
VKFGTEQYTAIHRQMMAAHAAITLQEVSEFTDDMRNFTADSIPLLIQLGRSSLMDEHLVEQREKLRELTTIAERLNRLER
EWM
;
B
#
loop_
_chem_comp.id
_chem_comp.type
_chem_comp.name
_chem_comp.formula
ATP non-polymer ADENOSINE-5'-TRIPHOSPHATE 'C10 H16 N5 O13 P3'
CA non-polymer 'CALCIUM ION' 'Ca 2'
#
# COMPACT_ATOMS: atom_id res chain seq x y z
N VAL A 6 -42.46 -9.37 -28.71
CA VAL A 6 -41.18 -9.96 -28.32
C VAL A 6 -40.55 -9.14 -27.20
N ALA A 7 -39.71 -9.78 -26.38
CA ALA A 7 -39.13 -9.14 -25.21
C ALA A 7 -38.07 -8.11 -25.58
N ALA A 8 -38.20 -6.92 -25.01
CA ALA A 8 -37.21 -5.87 -25.19
C ALA A 8 -35.94 -6.20 -24.40
N LEU A 9 -34.80 -5.76 -24.91
CA LEU A 9 -33.53 -6.01 -24.24
C LEU A 9 -33.15 -4.85 -23.33
N VAL A 10 -32.61 -5.18 -22.16
CA VAL A 10 -32.12 -4.18 -21.22
C VAL A 10 -30.64 -4.38 -20.97
N VAL A 11 -29.83 -3.42 -21.41
CA VAL A 11 -28.39 -3.52 -21.27
C VAL A 11 -27.82 -2.37 -20.45
N ASP A 12 -27.14 -2.72 -19.36
CA ASP A 12 -26.55 -1.72 -18.47
C ASP A 12 -25.02 -1.79 -18.51
N ASN A 13 -24.41 -0.84 -19.21
CA ASN A 13 -22.96 -0.83 -19.37
C ASN A 13 -22.26 -0.01 -18.30
N GLY A 14 -21.38 -0.66 -17.54
CA GLY A 14 -20.67 -0.02 -16.46
C GLY A 14 -19.16 -0.05 -16.62
N SER A 15 -18.46 0.64 -15.72
CA SER A 15 -17.01 0.75 -15.79
C SER A 15 -16.32 -0.60 -15.55
N GLY A 16 -16.92 -1.43 -14.71
CA GLY A 16 -16.32 -2.71 -14.37
C GLY A 16 -17.16 -3.90 -14.80
N MET A 17 -18.47 -3.77 -14.69
CA MET A 17 -19.38 -4.87 -14.99
C MET A 17 -20.45 -4.45 -15.98
N CYS A 18 -20.84 -5.39 -16.84
CA CYS A 18 -21.94 -5.18 -17.76
C CYS A 18 -23.13 -6.06 -17.36
N LYS A 19 -24.32 -5.47 -17.34
CA LYS A 19 -25.51 -6.23 -16.99
C LYS A 19 -26.50 -6.24 -18.15
N ALA A 20 -26.93 -7.44 -18.54
CA ALA A 20 -27.85 -7.57 -19.66
C ALA A 20 -28.91 -8.62 -19.39
N GLY A 21 -30.08 -8.43 -19.98
CA GLY A 21 -31.18 -9.36 -19.82
C GLY A 21 -32.40 -8.91 -20.60
N PHE A 22 -33.55 -9.48 -20.26
CA PHE A 22 -34.79 -9.15 -20.94
C PHE A 22 -35.70 -8.35 -20.01
N ALA A 23 -36.40 -7.37 -20.60
CA ALA A 23 -37.35 -6.57 -19.83
C ALA A 23 -38.47 -7.46 -19.30
N GLY A 24 -38.77 -7.32 -18.01
CA GLY A 24 -39.80 -8.11 -17.38
C GLY A 24 -39.24 -9.18 -16.46
N ASP A 25 -37.91 -9.23 -16.35
CA ASP A 25 -37.26 -10.17 -15.45
C ASP A 25 -36.74 -9.44 -14.22
N ASP A 26 -36.58 -10.18 -13.12
CA ASP A 26 -36.14 -9.60 -11.86
C ASP A 26 -34.66 -9.21 -11.89
N ALA A 27 -33.83 -10.11 -12.40
CA ALA A 27 -32.39 -9.89 -12.43
C ALA A 27 -31.84 -10.07 -13.84
N PRO A 28 -30.74 -9.36 -14.17
CA PRO A 28 -30.10 -9.56 -15.46
C PRO A 28 -29.57 -10.98 -15.61
N ARG A 29 -29.84 -11.60 -16.74
CA ARG A 29 -29.47 -12.99 -16.96
C ARG A 29 -27.98 -13.13 -17.24
N ALA A 30 -27.37 -12.05 -17.72
CA ALA A 30 -25.95 -12.05 -18.04
C ALA A 30 -25.22 -10.90 -17.37
N VAL A 31 -24.24 -11.23 -16.52
CA VAL A 31 -23.41 -10.23 -15.87
C VAL A 31 -21.94 -10.60 -16.03
N PHE A 32 -21.19 -9.78 -16.76
CA PHE A 32 -19.80 -10.08 -17.09
C PHE A 32 -18.94 -8.83 -17.03
N PRO A 33 -17.62 -9.00 -16.82
CA PRO A 33 -16.68 -7.87 -16.76
C PRO A 33 -16.60 -7.08 -18.07
N SER A 34 -16.59 -5.76 -17.97
CA SER A 34 -16.49 -4.91 -19.15
C SER A 34 -15.06 -4.83 -19.68
N ILE A 35 -14.50 -5.99 -19.99
CA ILE A 35 -13.10 -6.06 -20.43
C ILE A 35 -12.99 -6.60 -21.86
N VAL A 36 -12.19 -5.92 -22.67
CA VAL A 36 -11.90 -6.38 -24.02
C VAL A 36 -10.40 -6.65 -24.16
N GLY A 37 -10.07 -7.87 -24.59
CA GLY A 37 -8.67 -8.27 -24.73
C GLY A 37 -8.21 -8.43 -26.17
N ARG A 38 -7.29 -7.57 -26.58
CA ARG A 38 -6.68 -7.66 -27.91
C ARG A 38 -5.38 -8.46 -27.82
N PRO A 39 -4.93 -9.05 -28.94
CA PRO A 39 -3.66 -9.78 -29.00
C PRO A 39 -2.44 -8.96 -28.55
N ARG A 40 -1.31 -9.64 -28.42
CA ARG A 40 -0.08 -9.07 -27.84
C ARG A 40 -0.33 -8.62 -26.41
N SER A 53 -9.56 -11.70 -30.41
CA SER A 53 -10.14 -10.74 -29.48
C SER A 53 -11.21 -11.39 -28.60
N TYR A 54 -11.12 -11.17 -27.30
CA TYR A 54 -12.03 -11.80 -26.35
C TYR A 54 -12.66 -10.78 -25.41
N VAL A 55 -13.86 -11.10 -24.92
CA VAL A 55 -14.61 -10.19 -24.06
C VAL A 55 -15.03 -10.87 -22.76
N GLY A 56 -14.89 -10.16 -21.65
CA GLY A 56 -15.41 -10.64 -20.38
C GLY A 56 -14.53 -11.66 -19.69
N ASP A 57 -15.13 -12.78 -19.30
CA ASP A 57 -14.45 -13.80 -18.52
C ASP A 57 -13.37 -14.52 -19.32
N GLU A 58 -13.65 -14.81 -20.58
CA GLU A 58 -12.68 -15.51 -21.43
C GLU A 58 -11.47 -14.63 -21.69
N ALA A 59 -11.69 -13.32 -21.76
CA ALA A 59 -10.59 -12.38 -21.91
C ALA A 59 -9.67 -12.43 -20.70
N GLN A 60 -10.27 -12.65 -19.53
CA GLN A 60 -9.51 -12.76 -18.29
C GLN A 60 -8.76 -14.10 -18.22
N SER A 61 -9.43 -15.16 -18.64
CA SER A 61 -8.85 -16.49 -18.57
C SER A 61 -7.71 -16.67 -19.59
N LYS A 62 -7.75 -15.89 -20.66
CA LYS A 62 -6.71 -15.96 -21.68
C LYS A 62 -5.82 -14.72 -21.67
N ARG A 63 -5.70 -14.09 -20.50
CA ARG A 63 -4.96 -12.84 -20.37
C ARG A 63 -3.47 -12.98 -20.72
N GLY A 64 -2.97 -14.21 -20.71
CA GLY A 64 -1.57 -14.48 -20.96
C GLY A 64 -1.11 -14.18 -22.37
N ILE A 65 -2.05 -13.95 -23.28
CA ILE A 65 -1.72 -13.62 -24.66
C ILE A 65 -2.49 -12.38 -25.12
N LEU A 66 -3.02 -11.63 -24.17
CA LEU A 66 -3.86 -10.48 -24.48
C LEU A 66 -3.44 -9.20 -23.78
N THR A 67 -3.96 -8.08 -24.26
CA THR A 67 -3.86 -6.81 -23.57
C THR A 67 -5.26 -6.32 -23.21
N LEU A 68 -5.58 -6.38 -21.91
CA LEU A 68 -6.92 -6.05 -21.45
C LEU A 68 -7.13 -4.54 -21.35
N LYS A 69 -8.29 -4.08 -21.85
CA LYS A 69 -8.65 -2.67 -21.77
C LYS A 69 -10.08 -2.48 -21.28
N TYR A 70 -10.34 -1.32 -20.69
CA TYR A 70 -11.69 -0.97 -20.25
C TYR A 70 -12.27 0.13 -21.14
N PRO A 71 -13.29 -0.22 -21.93
CA PRO A 71 -13.97 0.73 -22.81
C PRO A 71 -14.62 1.87 -22.03
N ILE A 72 -15.06 1.58 -20.82
CA ILE A 72 -15.70 2.57 -19.96
C ILE A 72 -14.76 3.10 -18.90
N GLU A 73 -14.59 4.42 -18.85
CA GLU A 73 -13.79 5.06 -17.81
C GLU A 73 -14.63 6.08 -17.07
N HIS A 74 -14.79 5.85 -15.76
CA HIS A 74 -15.60 6.71 -14.90
C HIS A 74 -17.02 6.89 -15.43
N GLY A 75 -17.60 5.78 -15.91
CA GLY A 75 -18.96 5.78 -16.41
C GLY A 75 -19.09 6.30 -17.83
N ILE A 76 -17.99 6.73 -18.42
CA ILE A 76 -18.03 7.31 -19.76
C ILE A 76 -17.26 6.46 -20.77
N ILE A 77 -17.89 6.20 -21.91
CA ILE A 77 -17.27 5.46 -23.00
C ILE A 77 -16.10 6.24 -23.58
N THR A 78 -14.93 5.61 -23.65
CA THR A 78 -13.74 6.25 -24.19
C THR A 78 -13.14 5.46 -25.34
N ASN A 79 -13.63 4.24 -25.53
CA ASN A 79 -13.17 3.38 -26.61
C ASN A 79 -14.35 2.73 -27.35
N TRP A 80 -14.78 3.36 -28.44
CA TRP A 80 -15.98 2.93 -29.14
C TRP A 80 -15.79 1.63 -29.91
N ASP A 81 -14.58 1.40 -30.39
CA ASP A 81 -14.27 0.13 -31.06
C ASP A 81 -14.42 -1.03 -30.09
N ASP A 82 -13.92 -0.87 -28.88
CA ASP A 82 -14.02 -1.89 -27.85
C ASP A 82 -15.44 -1.99 -27.30
N MET A 83 -16.17 -0.88 -27.35
CA MET A 83 -17.54 -0.85 -26.88
C MET A 83 -18.43 -1.68 -27.81
N GLU A 84 -18.07 -1.72 -29.09
CA GLU A 84 -18.80 -2.51 -30.06
C GLU A 84 -18.66 -4.01 -29.77
N LYS A 85 -17.45 -4.42 -29.43
CA LYS A 85 -17.17 -5.83 -29.19
C LYS A 85 -17.91 -6.34 -27.96
N ILE A 86 -18.05 -5.48 -26.95
CA ILE A 86 -18.81 -5.84 -25.75
C ILE A 86 -20.28 -6.03 -26.08
N TRP A 87 -20.84 -5.08 -26.84
CA TRP A 87 -22.24 -5.17 -27.25
C TRP A 87 -22.46 -6.37 -28.16
N HIS A 88 -21.51 -6.64 -29.04
CA HIS A 88 -21.56 -7.82 -29.90
C HIS A 88 -21.49 -9.09 -29.05
N HIS A 89 -20.62 -9.07 -28.06
CA HIS A 89 -20.49 -10.19 -27.13
C HIS A 89 -21.75 -10.36 -26.30
N THR A 90 -22.34 -9.23 -25.90
CA THR A 90 -23.57 -9.23 -25.12
C THR A 90 -24.70 -9.89 -25.91
N PHE A 91 -24.80 -9.55 -27.19
CA PHE A 91 -25.90 -10.00 -28.03
C PHE A 91 -25.76 -11.45 -28.49
N TYR A 92 -24.60 -11.80 -29.04
CA TYR A 92 -24.43 -13.10 -29.68
C TYR A 92 -23.84 -14.18 -28.79
N ASN A 93 -23.23 -13.79 -27.68
CA ASN A 93 -22.56 -14.76 -26.81
C ASN A 93 -23.22 -14.86 -25.43
N GLU A 94 -23.57 -13.71 -24.85
CA GLU A 94 -24.18 -13.70 -23.52
C GLU A 94 -25.68 -13.94 -23.59
N LEU A 95 -26.40 -12.99 -24.18
CA LEU A 95 -27.85 -13.13 -24.32
C LEU A 95 -28.21 -14.12 -25.43
N ARG A 96 -27.31 -14.27 -26.39
CA ARG A 96 -27.49 -15.18 -27.52
C ARG A 96 -28.80 -14.92 -28.26
N VAL A 97 -29.03 -13.66 -28.60
CA VAL A 97 -30.22 -13.26 -29.35
C VAL A 97 -29.84 -12.52 -30.61
N ALA A 98 -30.84 -12.15 -31.40
CA ALA A 98 -30.62 -11.36 -32.61
C ALA A 98 -31.06 -9.92 -32.37
N PRO A 99 -30.09 -8.99 -32.38
CA PRO A 99 -30.33 -7.56 -32.12
C PRO A 99 -31.38 -6.95 -33.03
N GLU A 100 -31.54 -7.53 -34.22
CA GLU A 100 -32.47 -6.99 -35.20
C GLU A 100 -33.92 -7.38 -34.92
N GLU A 101 -34.12 -8.24 -33.92
CA GLU A 101 -35.45 -8.73 -33.61
C GLU A 101 -35.94 -8.26 -32.23
N HIS A 102 -35.11 -7.48 -31.55
CA HIS A 102 -35.48 -6.98 -30.22
C HIS A 102 -35.19 -5.49 -30.09
N PRO A 103 -36.15 -4.74 -29.53
CA PRO A 103 -35.86 -3.36 -29.15
C PRO A 103 -34.89 -3.35 -27.97
N VAL A 104 -34.03 -2.34 -27.87
CA VAL A 104 -32.98 -2.34 -26.86
C VAL A 104 -32.97 -1.07 -26.02
N LEU A 105 -32.94 -1.25 -24.71
CA LEU A 105 -32.83 -0.13 -23.78
C LEU A 105 -31.42 -0.05 -23.20
N LEU A 106 -30.71 1.02 -23.55
CA LEU A 106 -29.35 1.22 -23.05
C LEU A 106 -29.33 2.23 -21.90
N THR A 107 -28.23 2.27 -21.17
CA THR A 107 -28.08 3.19 -20.06
C THR A 107 -26.88 4.10 -20.26
N GLU A 108 -26.91 5.26 -19.61
CA GLU A 108 -25.83 6.23 -19.74
C GLU A 108 -25.58 6.95 -18.42
N ALA A 109 -24.34 7.38 -18.23
CA ALA A 109 -23.96 8.13 -17.04
C ALA A 109 -24.56 9.53 -17.06
N PRO A 110 -24.73 10.14 -15.87
CA PRO A 110 -25.17 11.54 -15.82
C PRO A 110 -24.17 12.46 -16.51
N LEU A 111 -24.66 13.50 -17.17
CA LEU A 111 -23.83 14.46 -17.88
C LEU A 111 -23.00 13.81 -18.99
N ASN A 112 -23.51 12.72 -19.56
CA ASN A 112 -22.87 12.07 -20.69
C ASN A 112 -22.92 12.97 -21.92
N PRO A 113 -21.74 13.30 -22.48
CA PRO A 113 -21.63 14.16 -23.66
C PRO A 113 -22.53 13.73 -24.81
N LYS A 114 -23.10 14.71 -25.51
CA LYS A 114 -24.06 14.44 -26.58
C LYS A 114 -23.45 13.70 -27.75
N ALA A 115 -22.15 13.88 -27.94
CA ALA A 115 -21.42 13.17 -28.98
C ALA A 115 -21.41 11.68 -28.69
N ASN A 116 -21.29 11.33 -27.42
CA ASN A 116 -21.36 9.95 -26.97
C ASN A 116 -22.74 9.35 -27.19
N ARG A 117 -23.77 10.18 -26.99
CA ARG A 117 -25.15 9.74 -27.14
C ARG A 117 -25.48 9.44 -28.60
N GLU A 118 -25.01 10.29 -29.51
CA GLU A 118 -25.26 10.10 -30.93
C GLU A 118 -24.50 8.90 -31.47
N LYS A 119 -23.27 8.72 -31.00
CA LYS A 119 -22.44 7.60 -31.41
C LYS A 119 -23.07 6.29 -30.96
N MET A 120 -23.58 6.28 -29.73
CA MET A 120 -24.27 5.12 -29.18
C MET A 120 -25.49 4.78 -30.02
N THR A 121 -26.20 5.80 -30.48
CA THR A 121 -27.38 5.64 -31.31
C THR A 121 -27.01 5.07 -32.68
N GLN A 122 -25.95 5.61 -33.28
CA GLN A 122 -25.50 5.18 -34.60
C GLN A 122 -25.13 3.70 -34.62
N ILE A 123 -24.43 3.25 -33.58
CA ILE A 123 -23.95 1.88 -33.51
C ILE A 123 -25.10 0.88 -33.40
N MET A 124 -26.09 1.17 -32.57
CA MET A 124 -27.22 0.25 -32.39
C MET A 124 -28.03 0.08 -33.67
N PHE A 125 -28.06 1.13 -34.49
CA PHE A 125 -28.90 1.12 -35.68
C PHE A 125 -28.16 0.69 -36.94
N GLU A 126 -26.91 1.13 -37.09
CA GLU A 126 -26.15 0.87 -38.31
C GLU A 126 -25.25 -0.35 -38.22
N THR A 127 -24.98 -0.81 -37.01
CA THR A 127 -24.09 -1.96 -36.82
C THR A 127 -24.86 -3.20 -36.38
N PHE A 128 -25.80 -3.05 -35.46
CA PHE A 128 -26.56 -4.18 -34.96
C PHE A 128 -27.98 -4.20 -35.52
N ASN A 129 -28.35 -3.13 -36.22
CA ASN A 129 -29.64 -3.02 -36.91
C ASN A 129 -30.83 -3.27 -35.98
N SER A 130 -30.86 -2.56 -34.86
CA SER A 130 -31.94 -2.70 -33.89
C SER A 130 -33.22 -2.04 -34.39
N PRO A 131 -34.37 -2.71 -34.21
CA PRO A 131 -35.67 -2.17 -34.62
C PRO A 131 -36.04 -0.89 -33.87
N ALA A 132 -35.70 -0.85 -32.59
CA ALA A 132 -35.97 0.33 -31.76
C ALA A 132 -34.98 0.42 -30.61
N MET A 133 -34.70 1.64 -30.16
CA MET A 133 -33.81 1.83 -29.02
C MET A 133 -34.22 3.02 -28.15
N HIS A 134 -33.67 3.05 -26.94
CA HIS A 134 -33.85 4.18 -26.03
C HIS A 134 -32.70 4.16 -25.03
N VAL A 135 -32.24 5.34 -24.64
CA VAL A 135 -31.18 5.42 -23.63
C VAL A 135 -31.63 6.30 -22.46
N ALA A 136 -31.43 5.79 -21.24
CA ALA A 136 -31.86 6.49 -20.04
C ALA A 136 -30.69 6.74 -19.09
N ILE A 137 -30.86 7.72 -18.21
CA ILE A 137 -29.85 8.04 -17.21
C ILE A 137 -29.87 6.98 -16.10
N GLN A 138 -28.69 6.48 -15.76
CA GLN A 138 -28.56 5.36 -14.82
C GLN A 138 -29.16 5.63 -13.44
N ALA A 139 -28.85 6.78 -12.87
CA ALA A 139 -29.33 7.14 -11.53
C ALA A 139 -30.85 7.27 -11.50
N VAL A 140 -31.42 7.76 -12.59
CA VAL A 140 -32.86 7.95 -12.68
C VAL A 140 -33.59 6.61 -12.65
N LEU A 141 -33.00 5.61 -13.30
CA LEU A 141 -33.57 4.27 -13.32
C LEU A 141 -33.56 3.64 -11.93
N SER A 142 -32.57 4.00 -11.13
CA SER A 142 -32.46 3.48 -9.76
C SER A 142 -33.55 4.06 -8.87
N LEU A 143 -33.91 5.31 -9.13
CA LEU A 143 -34.97 5.97 -8.38
C LEU A 143 -36.33 5.35 -8.74
N TYR A 144 -36.50 4.99 -10.01
CA TYR A 144 -37.74 4.35 -10.46
C TYR A 144 -37.91 2.99 -9.79
N ALA A 145 -36.81 2.25 -9.66
CA ALA A 145 -36.83 0.94 -9.04
C ALA A 145 -37.16 1.04 -7.54
N SER A 146 -37.04 2.23 -6.99
CA SER A 146 -37.44 2.49 -5.61
C SER A 146 -38.93 2.80 -5.54
N GLY A 147 -39.55 3.02 -6.70
CA GLY A 147 -40.93 3.42 -6.76
C GLY A 147 -41.06 4.90 -6.44
N ARG A 148 -40.11 5.68 -6.92
CA ARG A 148 -40.06 7.11 -6.62
C ARG A 148 -39.84 7.95 -7.86
N THR A 149 -40.40 9.16 -7.85
CA THR A 149 -40.21 10.11 -8.94
C THR A 149 -39.41 11.31 -8.44
N THR A 150 -39.21 11.36 -7.12
CA THR A 150 -38.48 12.44 -6.48
C THR A 150 -37.53 11.89 -5.42
N GLY A 151 -36.28 12.34 -5.46
CA GLY A 151 -35.29 11.92 -4.49
C GLY A 151 -33.88 12.11 -5.02
N ILE A 152 -32.89 11.96 -4.15
CA ILE A 152 -31.50 12.05 -4.58
C ILE A 152 -30.85 10.66 -4.55
N VAL A 153 -30.12 10.34 -5.61
CA VAL A 153 -29.52 9.03 -5.74
C VAL A 153 -28.01 9.08 -5.56
N LEU A 154 -27.49 8.22 -4.70
CA LEU A 154 -26.05 8.01 -4.62
C LEU A 154 -25.69 6.76 -5.40
N ASP A 155 -25.20 6.94 -6.61
CA ASP A 155 -24.80 5.83 -7.46
C ASP A 155 -23.28 5.67 -7.37
N SER A 156 -22.84 4.50 -6.93
CA SER A 156 -21.41 4.25 -6.76
C SER A 156 -21.05 2.85 -7.27
N GLY A 157 -20.22 2.80 -8.30
CA GLY A 157 -19.86 1.54 -8.91
C GLY A 157 -18.40 1.18 -8.82
N ASP A 158 -17.80 0.82 -9.96
CA ASP A 158 -16.41 0.41 -9.99
C ASP A 158 -15.48 1.56 -10.36
N GLY A 159 -15.99 2.52 -11.12
CA GLY A 159 -15.15 3.59 -11.63
C GLY A 159 -15.56 5.00 -11.24
N VAL A 160 -16.85 5.20 -10.97
CA VAL A 160 -17.34 6.54 -10.67
C VAL A 160 -18.45 6.54 -9.63
N SER A 161 -18.55 7.63 -8.88
CA SER A 161 -19.65 7.84 -7.95
C SER A 161 -20.42 9.10 -8.31
N HIS A 162 -21.74 9.02 -8.25
CA HIS A 162 -22.59 10.15 -8.60
C HIS A 162 -23.62 10.45 -7.53
N THR A 163 -23.89 11.74 -7.33
CA THR A 163 -25.02 12.17 -6.54
C THR A 163 -25.98 12.92 -7.46
N VAL A 164 -27.16 12.35 -7.67
CA VAL A 164 -28.11 12.90 -8.62
C VAL A 164 -29.44 13.24 -7.97
N PRO A 165 -29.69 14.55 -7.77
CA PRO A 165 -30.98 15.02 -7.27
C PRO A 165 -32.05 14.98 -8.36
N ILE A 166 -33.16 14.32 -8.07
CA ILE A 166 -34.24 14.19 -9.03
C ILE A 166 -35.56 14.68 -8.44
N TYR A 167 -36.26 15.54 -9.19
CA TYR A 167 -37.53 16.07 -8.71
C TYR A 167 -38.63 15.91 -9.76
N GLU A 168 -39.66 15.14 -9.39
CA GLU A 168 -40.81 14.89 -10.24
C GLU A 168 -40.42 14.31 -11.60
N GLY A 169 -39.41 13.44 -11.61
CA GLY A 169 -39.01 12.75 -12.81
C GLY A 169 -37.86 13.41 -13.55
N TYR A 170 -37.59 14.66 -13.22
CA TYR A 170 -36.50 15.40 -13.86
C TYR A 170 -35.25 15.45 -13.00
N ALA A 171 -34.12 15.08 -13.60
CA ALA A 171 -32.83 15.24 -12.95
C ALA A 171 -32.43 16.71 -12.99
N LEU A 172 -31.83 17.19 -11.90
CA LEU A 172 -31.39 18.58 -11.83
C LEU A 172 -29.90 18.70 -12.11
N PRO A 173 -29.54 19.03 -13.36
CA PRO A 173 -28.15 18.99 -13.86
C PRO A 173 -27.21 19.91 -13.10
N HIS A 174 -27.72 21.01 -12.56
CA HIS A 174 -26.88 21.99 -11.88
C HIS A 174 -26.46 21.51 -10.49
N ALA A 175 -27.15 20.50 -9.97
CA ALA A 175 -26.87 20.02 -8.63
C ALA A 175 -26.23 18.63 -8.64
N ILE A 176 -26.01 18.09 -9.83
CA ILE A 176 -25.36 16.79 -9.96
C ILE A 176 -23.87 16.90 -9.68
N LEU A 177 -23.35 16.00 -8.86
CA LEU A 177 -21.92 15.98 -8.55
C LEU A 177 -21.28 14.64 -8.91
N ARG A 178 -20.13 14.71 -9.56
CA ARG A 178 -19.37 13.51 -9.91
C ARG A 178 -18.16 13.35 -8.99
N LEU A 179 -17.94 12.13 -8.53
CA LEU A 179 -16.84 11.85 -7.61
C LEU A 179 -16.03 10.65 -8.11
N ASP A 180 -14.86 10.93 -8.68
CA ASP A 180 -13.99 9.87 -9.19
C ASP A 180 -13.42 9.02 -8.05
N LEU A 181 -14.30 8.29 -7.39
CA LEU A 181 -13.95 7.47 -6.24
C LEU A 181 -14.94 6.31 -6.16
N ALA A 182 -14.45 5.09 -6.37
CA ALA A 182 -15.35 3.95 -6.44
C ALA A 182 -14.66 2.62 -6.12
N GLY A 183 -15.26 1.53 -6.58
CA GLY A 183 -14.84 0.19 -6.23
C GLY A 183 -13.40 -0.17 -6.54
N ARG A 184 -12.93 0.12 -7.74
CA ARG A 184 -11.58 -0.28 -8.15
C ARG A 184 -10.53 0.51 -7.37
N ASP A 185 -10.89 1.70 -6.92
CA ASP A 185 -10.00 2.49 -6.07
C ASP A 185 -9.88 1.84 -4.70
N LEU A 186 -11.00 1.34 -4.20
CA LEU A 186 -11.04 0.67 -2.90
C LEU A 186 -10.30 -0.66 -2.95
N THR A 187 -10.47 -1.39 -4.04
CA THR A 187 -9.76 -2.65 -4.24
C THR A 187 -8.26 -2.38 -4.32
N ASP A 188 -7.89 -1.34 -5.05
CA ASP A 188 -6.50 -0.93 -5.18
C ASP A 188 -5.93 -0.53 -3.83
N TYR A 189 -6.75 0.16 -3.04
CA TYR A 189 -6.36 0.60 -1.71
C TYR A 189 -6.14 -0.60 -0.78
N LEU A 190 -7.03 -1.59 -0.89
CA LEU A 190 -6.91 -2.80 -0.09
C LEU A 190 -5.65 -3.56 -0.47
N MET A 191 -5.26 -3.49 -1.74
CA MET A 191 -4.04 -4.15 -2.19
C MET A 191 -2.80 -3.56 -1.52
N LYS A 192 -2.77 -2.25 -1.39
CA LYS A 192 -1.63 -1.58 -0.77
C LYS A 192 -1.51 -1.91 0.71
N ILE A 193 -2.60 -1.75 1.46
CA ILE A 193 -2.55 -1.90 2.90
C ILE A 193 -2.45 -3.36 3.36
N LEU A 194 -2.66 -4.29 2.41
CA LEU A 194 -2.48 -5.71 2.72
C LEU A 194 -1.01 -6.11 2.66
N THR A 195 -0.19 -5.29 1.99
CA THR A 195 1.24 -5.55 1.90
C THR A 195 1.90 -5.36 3.25
N GLU A 196 1.29 -4.53 4.09
CA GLU A 196 1.79 -4.28 5.43
C GLU A 196 1.66 -5.52 6.30
N ARG A 197 0.83 -6.47 5.86
CA ARG A 197 0.69 -7.75 6.55
C ARG A 197 1.51 -8.84 5.86
N GLY A 198 2.33 -8.43 4.90
CA GLY A 198 3.16 -9.38 4.17
C GLY A 198 2.43 -10.07 3.05
N TYR A 199 1.34 -9.49 2.59
CA TYR A 199 0.57 -10.03 1.47
C TYR A 199 0.80 -9.18 0.22
N SER A 200 1.52 -9.71 -0.75
CA SER A 200 1.87 -8.93 -1.94
C SER A 200 1.10 -9.36 -3.19
N PHE A 201 -0.10 -8.81 -3.36
CA PHE A 201 -0.89 -9.05 -4.57
C PHE A 201 -0.59 -7.95 -5.60
N THR A 202 -0.29 -8.37 -6.83
CA THR A 202 0.17 -7.43 -7.86
C THR A 202 -0.52 -7.63 -9.21
N THR A 203 -0.73 -8.89 -9.59
CA THR A 203 -1.27 -9.21 -10.91
C THR A 203 -2.76 -8.87 -11.01
N THR A 204 -3.27 -8.82 -12.24
CA THR A 204 -4.69 -8.55 -12.48
C THR A 204 -5.54 -9.67 -11.90
N ALA A 205 -5.03 -10.89 -11.97
CA ALA A 205 -5.71 -12.04 -11.40
C ALA A 205 -5.86 -11.88 -9.89
N GLU A 206 -4.78 -11.48 -9.23
CA GLU A 206 -4.78 -11.27 -7.79
C GLU A 206 -5.61 -10.04 -7.42
N ARG A 207 -5.70 -9.09 -8.34
CA ARG A 207 -6.52 -7.91 -8.12
C ARG A 207 -7.98 -8.30 -8.01
N GLU A 208 -8.38 -9.31 -8.77
CA GLU A 208 -9.75 -9.82 -8.73
C GLU A 208 -10.00 -10.56 -7.43
N ILE A 209 -8.98 -11.26 -6.94
CA ILE A 209 -9.08 -11.98 -5.68
C ILE A 209 -9.21 -11.01 -4.52
N VAL A 210 -8.45 -9.91 -4.57
CA VAL A 210 -8.55 -8.88 -3.55
C VAL A 210 -9.93 -8.24 -3.59
N ARG A 211 -10.45 -8.05 -4.80
CA ARG A 211 -11.80 -7.54 -4.98
C ARG A 211 -12.82 -8.47 -4.32
N ASP A 212 -12.58 -9.77 -4.42
CA ASP A 212 -13.44 -10.77 -3.78
C ASP A 212 -13.37 -10.65 -2.27
N ILE A 213 -12.16 -10.45 -1.75
CA ILE A 213 -11.96 -10.25 -0.31
C ILE A 213 -12.70 -9.02 0.16
N LYS A 214 -12.62 -7.96 -0.64
CA LYS A 214 -13.28 -6.70 -0.36
C LYS A 214 -14.80 -6.86 -0.26
N GLU A 215 -15.36 -7.70 -1.12
CA GLU A 215 -16.80 -7.88 -1.20
C GLU A 215 -17.36 -8.82 -0.14
N LYS A 216 -16.48 -9.44 0.64
CA LYS A 216 -16.91 -10.46 1.59
C LYS A 216 -16.48 -10.20 3.03
N LEU A 217 -15.39 -9.46 3.21
CA LEU A 217 -14.85 -9.25 4.54
C LEU A 217 -14.95 -7.80 5.01
N CYS A 218 -15.22 -6.89 4.08
CA CYS A 218 -15.28 -5.47 4.43
C CYS A 218 -16.65 -5.05 4.94
N TYR A 219 -16.65 -3.97 5.73
CA TYR A 219 -17.87 -3.40 6.27
C TYR A 219 -17.59 -1.97 6.72
N VAL A 220 -18.63 -1.15 6.79
CA VAL A 220 -18.48 0.23 7.24
C VAL A 220 -18.74 0.35 8.73
N ALA A 221 -17.74 0.83 9.46
CA ALA A 221 -17.87 1.04 10.89
C ALA A 221 -18.70 2.27 11.17
N LEU A 222 -19.61 2.17 12.14
CA LEU A 222 -20.45 3.30 12.52
C LEU A 222 -19.59 4.34 13.25
N ASP A 223 -18.65 3.85 14.04
CA ASP A 223 -17.69 4.71 14.72
C ASP A 223 -16.28 4.23 14.39
N PHE A 224 -15.63 4.92 13.45
CA PHE A 224 -14.33 4.49 12.94
C PHE A 224 -13.26 4.42 14.02
N GLU A 225 -13.08 5.52 14.75
CA GLU A 225 -12.03 5.58 15.77
C GLU A 225 -12.24 4.57 16.89
N GLN A 226 -13.50 4.22 17.15
CA GLN A 226 -13.80 3.22 18.17
C GLN A 226 -13.39 1.82 17.70
N GLU A 227 -13.68 1.51 16.44
CA GLU A 227 -13.34 0.20 15.87
C GLU A 227 -11.83 0.04 15.76
N MET A 228 -11.12 1.13 15.49
CA MET A 228 -9.67 1.11 15.44
C MET A 228 -9.10 0.74 16.81
N ALA A 229 -9.73 1.26 17.85
CA ALA A 229 -9.31 0.98 19.22
C ALA A 229 -9.56 -0.49 19.54
N THR A 230 -10.66 -1.03 19.04
CA THR A 230 -11.01 -2.43 19.27
C THR A 230 -10.05 -3.36 18.52
N ALA A 231 -9.66 -2.94 17.31
CA ALA A 231 -8.76 -3.73 16.49
C ALA A 231 -7.34 -3.74 17.06
N ALA A 232 -6.94 -2.65 17.70
CA ALA A 232 -5.61 -2.52 18.26
C ALA A 232 -5.50 -3.23 19.61
N ALA A 233 -6.60 -3.25 20.36
CA ALA A 233 -6.61 -3.80 21.70
C ALA A 233 -6.60 -5.32 21.70
N SER A 234 -7.24 -5.92 20.70
CA SER A 234 -7.35 -7.38 20.65
C SER A 234 -7.45 -7.90 19.23
N THR A 235 -7.55 -9.21 19.10
CA THR A 235 -7.63 -9.88 17.81
C THR A 235 -9.07 -10.24 17.45
N SER A 236 -10.01 -9.58 18.12
CA SER A 236 -11.43 -9.91 18.00
C SER A 236 -12.02 -9.62 16.62
N LEU A 237 -11.40 -8.69 15.89
CA LEU A 237 -11.94 -8.24 14.61
C LEU A 237 -11.31 -8.96 13.42
N GLU A 238 -10.38 -9.86 13.70
CA GLU A 238 -9.65 -10.54 12.64
C GLU A 238 -10.46 -11.69 12.02
N LYS A 239 -10.45 -11.76 10.70
CA LYS A 239 -11.18 -12.80 9.98
C LYS A 239 -10.31 -13.40 8.88
N SER A 240 -10.47 -14.69 8.64
CA SER A 240 -9.59 -15.40 7.71
C SER A 240 -10.25 -15.65 6.35
N TYR A 241 -9.42 -15.67 5.30
CA TYR A 241 -9.89 -15.87 3.94
C TYR A 241 -9.05 -16.94 3.24
N GLU A 242 -9.71 -17.81 2.48
CA GLU A 242 -9.01 -18.89 1.80
C GLU A 242 -8.85 -18.64 0.31
N LEU A 243 -7.60 -18.51 -0.13
CA LEU A 243 -7.29 -18.30 -1.54
C LEU A 243 -7.64 -19.53 -2.37
N PRO A 244 -7.92 -19.34 -3.67
CA PRO A 244 -8.26 -20.45 -4.57
C PRO A 244 -7.22 -21.57 -4.59
N ASP A 245 -5.95 -21.27 -4.31
CA ASP A 245 -4.92 -22.31 -4.27
C ASP A 245 -4.86 -22.99 -2.91
N GLY A 246 -5.65 -22.50 -1.96
CA GLY A 246 -5.75 -23.13 -0.65
C GLY A 246 -5.10 -22.35 0.47
N GLN A 247 -4.30 -21.36 0.13
CA GLN A 247 -3.63 -20.54 1.13
C GLN A 247 -4.63 -19.72 1.95
N VAL A 248 -4.41 -19.66 3.25
CA VAL A 248 -5.29 -18.91 4.13
C VAL A 248 -4.60 -17.64 4.64
N ILE A 249 -5.23 -16.49 4.39
CA ILE A 249 -4.76 -15.23 4.93
C ILE A 249 -5.70 -14.74 6.03
N ALA A 250 -5.22 -13.81 6.84
CA ALA A 250 -6.03 -13.23 7.91
C ALA A 250 -5.86 -11.72 7.95
N ILE A 251 -6.96 -10.99 7.94
CA ILE A 251 -6.91 -9.53 7.97
C ILE A 251 -7.69 -8.97 9.15
N GLY A 252 -7.38 -7.73 9.53
CA GLY A 252 -7.99 -7.12 10.69
C GLY A 252 -8.71 -5.82 10.40
N ASN A 253 -8.09 -4.71 10.77
CA ASN A 253 -8.72 -3.41 10.62
C ASN A 253 -8.83 -2.96 9.15
N GLU A 254 -8.21 -3.72 8.25
CA GLU A 254 -8.32 -3.46 6.82
C GLU A 254 -9.77 -3.68 6.36
N ARG A 255 -10.53 -4.43 7.15
CA ARG A 255 -11.92 -4.71 6.84
C ARG A 255 -12.77 -3.44 6.78
N PHE A 256 -12.52 -2.52 7.71
CA PHE A 256 -13.32 -1.29 7.74
C PHE A 256 -12.51 -0.05 7.36
N ARG A 257 -11.19 -0.20 7.26
CA ARG A 257 -10.36 0.91 6.79
C ARG A 257 -10.53 1.12 5.29
N CYS A 258 -10.78 0.03 4.57
CA CYS A 258 -10.94 0.11 3.12
C CYS A 258 -12.20 0.89 2.71
N PRO A 259 -13.40 0.51 3.20
CA PRO A 259 -14.55 1.29 2.75
C PRO A 259 -14.68 2.65 3.46
N GLU A 260 -13.83 2.88 4.46
CA GLU A 260 -13.81 4.16 5.16
C GLU A 260 -13.33 5.26 4.21
N ALA A 261 -12.60 4.87 3.18
CA ALA A 261 -12.10 5.81 2.19
C ALA A 261 -13.24 6.53 1.46
N LEU A 262 -14.40 5.88 1.41
CA LEU A 262 -15.59 6.49 0.83
C LEU A 262 -15.99 7.74 1.58
N PHE A 263 -15.72 7.75 2.89
CA PHE A 263 -16.04 8.88 3.74
C PHE A 263 -14.83 9.76 3.96
N GLN A 264 -13.64 9.15 3.87
CA GLN A 264 -12.39 9.88 3.99
C GLN A 264 -11.48 9.64 2.78
N PRO A 265 -11.70 10.41 1.70
CA PRO A 265 -10.93 10.31 0.46
C PRO A 265 -9.44 10.63 0.63
N SER A 266 -9.07 11.17 1.78
CA SER A 266 -7.66 11.45 2.06
C SER A 266 -6.87 10.15 2.18
N PHE A 267 -7.57 9.06 2.44
CA PHE A 267 -6.95 7.73 2.50
C PHE A 267 -6.43 7.32 1.13
N LEU A 268 -7.01 7.91 0.08
CA LEU A 268 -6.67 7.55 -1.29
C LEU A 268 -5.81 8.61 -1.95
N GLY A 269 -5.43 9.63 -1.19
CA GLY A 269 -4.60 10.70 -1.69
C GLY A 269 -5.40 11.79 -2.37
N MET A 270 -6.72 11.72 -2.24
CA MET A 270 -7.60 12.71 -2.86
C MET A 270 -8.01 13.79 -1.87
N GLU A 271 -7.99 15.04 -2.34
CA GLU A 271 -8.45 16.16 -1.52
C GLU A 271 -9.87 16.53 -1.91
N SER A 272 -10.79 15.59 -1.70
CA SER A 272 -12.18 15.79 -2.07
C SER A 272 -13.12 15.32 -0.96
N CYS A 273 -14.40 15.67 -1.09
CA CYS A 273 -15.39 15.33 -0.09
C CYS A 273 -15.80 13.86 -0.17
N GLY A 274 -16.15 13.28 0.98
CA GLY A 274 -16.65 11.91 1.03
C GLY A 274 -18.05 11.85 0.46
N ILE A 275 -18.57 10.63 0.29
CA ILE A 275 -19.88 10.45 -0.33
C ILE A 275 -20.99 11.14 0.47
N HIS A 276 -20.87 11.13 1.79
CA HIS A 276 -21.88 11.72 2.66
C HIS A 276 -21.93 13.24 2.51
N GLU A 277 -20.76 13.85 2.29
CA GLU A 277 -20.68 15.30 2.16
C GLU A 277 -21.00 15.71 0.73
N THR A 278 -20.77 14.82 -0.22
CA THR A 278 -21.10 15.07 -1.62
C THR A 278 -22.62 15.05 -1.81
N VAL A 279 -23.28 14.12 -1.14
CA VAL A 279 -24.74 14.05 -1.18
C VAL A 279 -25.33 15.33 -0.59
N TYR A 280 -24.76 15.77 0.52
CA TYR A 280 -25.20 17.00 1.18
C TYR A 280 -25.05 18.22 0.27
N ASN A 281 -23.91 18.32 -0.41
CA ASN A 281 -23.66 19.43 -1.31
C ASN A 281 -24.60 19.45 -2.52
N SER A 282 -24.97 18.27 -3.00
CA SER A 282 -25.94 18.17 -4.09
C SER A 282 -27.31 18.66 -3.65
N ILE A 283 -27.72 18.24 -2.45
CA ILE A 283 -28.99 18.67 -1.89
C ILE A 283 -29.00 20.18 -1.64
N MET A 284 -27.86 20.70 -1.22
CA MET A 284 -27.74 22.12 -0.89
C MET A 284 -27.65 23.02 -2.12
N LYS A 285 -27.53 22.41 -3.29
CA LYS A 285 -27.51 23.19 -4.53
C LYS A 285 -28.91 23.25 -5.15
N CYS A 286 -29.82 22.44 -4.62
CA CYS A 286 -31.21 22.48 -5.06
C CYS A 286 -31.96 23.58 -4.34
N ASP A 287 -33.17 23.87 -4.81
CA ASP A 287 -34.02 24.87 -4.19
C ASP A 287 -34.34 24.47 -2.74
N VAL A 288 -34.50 25.47 -1.89
CA VAL A 288 -34.75 25.25 -0.46
C VAL A 288 -36.01 24.42 -0.22
N ASP A 289 -37.05 24.68 -0.99
CA ASP A 289 -38.35 24.07 -0.76
C ASP A 289 -38.45 22.60 -1.15
N ILE A 290 -37.39 22.07 -1.78
CA ILE A 290 -37.41 20.66 -2.19
C ILE A 290 -36.34 19.84 -1.49
N ARG A 291 -35.50 20.49 -0.70
CA ARG A 291 -34.44 19.80 0.04
C ARG A 291 -35.02 18.78 1.01
N LYS A 292 -36.14 19.12 1.63
CA LYS A 292 -36.80 18.23 2.57
C LYS A 292 -37.18 16.89 1.91
N ASP A 293 -37.70 16.98 0.68
CA ASP A 293 -38.10 15.79 -0.05
C ASP A 293 -36.90 14.93 -0.45
N LEU A 294 -35.76 15.57 -0.69
CA LEU A 294 -34.54 14.86 -1.04
C LEU A 294 -33.96 14.14 0.17
N TYR A 295 -33.92 14.84 1.30
CA TYR A 295 -33.43 14.27 2.55
C TYR A 295 -34.21 13.02 2.96
N ALA A 296 -35.52 13.04 2.70
CA ALA A 296 -36.39 11.95 3.09
C ALA A 296 -36.37 10.80 2.09
N ASN A 297 -35.77 11.04 0.93
CA ASN A 297 -35.70 10.02 -0.11
C ASN A 297 -34.31 9.90 -0.73
N THR A 298 -33.32 9.66 0.13
CA THR A 298 -31.97 9.42 -0.35
C THR A 298 -31.80 7.95 -0.70
N VAL A 299 -31.68 7.66 -1.99
CA VAL A 299 -31.58 6.29 -2.47
C VAL A 299 -30.14 5.94 -2.83
N MET A 300 -29.73 4.72 -2.49
CA MET A 300 -28.38 4.26 -2.78
C MET A 300 -28.38 3.21 -3.89
N SER A 301 -27.45 3.36 -4.82
CA SER A 301 -27.34 2.45 -5.96
C SER A 301 -25.89 2.12 -6.27
N GLY A 302 -25.67 0.93 -6.84
CA GLY A 302 -24.35 0.50 -7.23
C GLY A 302 -23.80 -0.56 -6.30
N GLY A 303 -22.76 -1.27 -6.77
CA GLY A 303 -22.15 -2.32 -5.99
C GLY A 303 -21.31 -1.80 -4.84
N THR A 304 -20.78 -0.59 -4.99
CA THR A 304 -19.91 -0.01 -3.97
C THR A 304 -20.72 0.35 -2.73
N THR A 305 -22.02 0.59 -2.91
CA THR A 305 -22.90 0.93 -1.79
C THR A 305 -23.36 -0.30 -1.03
N MET A 306 -22.81 -1.46 -1.36
CA MET A 306 -23.27 -2.74 -0.80
C MET A 306 -22.57 -3.16 0.49
N TYR A 307 -21.66 -2.32 1.00
CA TYR A 307 -20.97 -2.64 2.24
C TYR A 307 -21.93 -2.71 3.42
N PRO A 308 -21.81 -3.75 4.26
CA PRO A 308 -22.59 -3.84 5.49
C PRO A 308 -22.34 -2.64 6.40
N GLY A 309 -23.41 -1.96 6.81
CA GLY A 309 -23.29 -0.85 7.74
C GLY A 309 -23.19 0.52 7.09
N ILE A 310 -23.12 0.56 5.76
CA ILE A 310 -22.94 1.83 5.06
C ILE A 310 -24.18 2.72 5.18
N ALA A 311 -25.35 2.10 5.31
CA ALA A 311 -26.60 2.86 5.41
C ALA A 311 -26.69 3.59 6.74
N ASP A 312 -26.39 2.88 7.82
CA ASP A 312 -26.41 3.47 9.16
C ASP A 312 -25.40 4.61 9.27
N ARG A 313 -24.20 4.37 8.74
CA ARG A 313 -23.15 5.40 8.73
C ARG A 313 -23.58 6.59 7.88
N MET A 314 -24.19 6.31 6.74
CA MET A 314 -24.70 7.35 5.86
C MET A 314 -25.76 8.18 6.56
N GLN A 315 -26.65 7.49 7.28
CA GLN A 315 -27.68 8.14 8.10
C GLN A 315 -27.06 9.07 9.12
N LYS A 316 -26.03 8.57 9.81
CA LYS A 316 -25.36 9.31 10.87
C LYS A 316 -24.65 10.56 10.36
N GLU A 317 -23.90 10.42 9.29
CA GLU A 317 -23.06 11.50 8.78
C GLU A 317 -23.87 12.66 8.18
N ILE A 318 -24.95 12.33 7.47
CA ILE A 318 -25.79 13.34 6.86
C ILE A 318 -26.59 14.10 7.93
N THR A 319 -27.03 13.37 8.94
CA THR A 319 -27.75 13.96 10.06
C THR A 319 -26.91 15.05 10.74
N ALA A 320 -25.60 14.81 10.82
CA ALA A 320 -24.68 15.76 11.43
C ALA A 320 -24.53 17.03 10.59
N LEU A 321 -24.68 16.88 9.28
CA LEU A 321 -24.54 18.01 8.35
C LEU A 321 -25.84 18.78 8.19
N ALA A 322 -26.95 18.05 8.10
CA ALA A 322 -28.25 18.66 7.87
C ALA A 322 -28.76 19.40 9.10
N PRO A 323 -29.64 20.39 8.90
CA PRO A 323 -30.29 21.06 10.03
C PRO A 323 -31.08 20.09 10.90
N SER A 324 -31.34 20.47 12.15
CA SER A 324 -31.95 19.58 13.13
C SER A 324 -33.40 19.21 12.78
N THR A 325 -34.12 20.14 12.15
CA THR A 325 -35.53 19.94 11.85
C THR A 325 -35.75 18.95 10.70
N ILE A 326 -34.70 18.72 9.92
CA ILE A 326 -34.78 17.85 8.75
C ILE A 326 -34.83 16.37 9.12
N LYS A 327 -35.77 15.63 8.51
CA LYS A 327 -35.82 14.18 8.66
C LYS A 327 -34.98 13.51 7.58
N THR A 328 -34.11 12.59 7.98
CA THR A 328 -33.21 11.92 7.05
C THR A 328 -33.53 10.43 6.93
N LYS A 329 -33.87 10.01 5.71
CA LYS A 329 -34.20 8.61 5.46
C LYS A 329 -33.34 8.06 4.32
N ILE A 330 -32.73 6.90 4.56
CA ILE A 330 -31.85 6.27 3.57
C ILE A 330 -32.45 4.96 3.07
N ILE A 331 -32.73 4.90 1.77
CA ILE A 331 -33.25 3.69 1.15
C ILE A 331 -32.12 2.87 0.53
N ALA A 332 -31.97 1.63 0.98
CA ALA A 332 -30.89 0.77 0.50
C ALA A 332 -31.40 -0.63 0.16
N PRO A 333 -31.86 -0.81 -1.09
CA PRO A 333 -32.37 -2.10 -1.58
C PRO A 333 -31.35 -3.23 -1.42
N PRO A 334 -31.84 -4.44 -1.08
CA PRO A 334 -31.03 -5.63 -0.81
C PRO A 334 -30.02 -6.00 -1.90
N GLU A 335 -30.35 -5.79 -3.17
CA GLU A 335 -29.39 -5.97 -4.24
C GLU A 335 -29.37 -4.74 -5.13
N ARG A 336 -28.85 -3.66 -4.58
CA ARG A 336 -28.77 -2.36 -5.25
C ARG A 336 -27.64 -2.31 -6.27
N LYS A 337 -26.97 -3.45 -6.45
CA LYS A 337 -25.95 -3.58 -7.49
C LYS A 337 -26.63 -3.74 -8.86
N TYR A 338 -27.92 -4.08 -8.83
CA TYR A 338 -28.69 -4.30 -10.04
C TYR A 338 -29.85 -3.31 -10.17
N SER A 339 -29.88 -2.30 -9.31
CA SER A 339 -30.98 -1.33 -9.29
C SER A 339 -31.17 -0.64 -10.64
N VAL A 340 -30.06 -0.21 -11.25
CA VAL A 340 -30.10 0.46 -12.54
C VAL A 340 -30.75 -0.42 -13.60
N TRP A 341 -30.34 -1.69 -13.65
CA TRP A 341 -30.90 -2.64 -14.60
C TRP A 341 -32.37 -2.91 -14.31
N ILE A 342 -32.70 -3.11 -13.03
CA ILE A 342 -34.08 -3.38 -12.63
C ILE A 342 -34.99 -2.21 -13.00
N GLY A 343 -34.50 -1.00 -12.80
CA GLY A 343 -35.23 0.19 -13.18
C GLY A 343 -35.44 0.23 -14.68
N GLY A 344 -34.45 -0.27 -15.43
CA GLY A 344 -34.55 -0.35 -16.88
C GLY A 344 -35.55 -1.40 -17.32
N SER A 345 -35.49 -2.57 -16.67
CA SER A 345 -36.40 -3.66 -16.97
C SER A 345 -37.85 -3.24 -16.75
N ILE A 346 -38.08 -2.46 -15.70
CA ILE A 346 -39.42 -1.97 -15.38
C ILE A 346 -39.92 -0.98 -16.43
N LEU A 347 -39.07 -0.01 -16.78
CA LEU A 347 -39.43 1.04 -17.73
C LEU A 347 -39.75 0.47 -19.11
N ALA A 348 -38.94 -0.49 -19.56
CA ALA A 348 -39.13 -1.08 -20.89
C ALA A 348 -40.31 -2.04 -20.92
N SER A 349 -40.79 -2.43 -19.74
CA SER A 349 -41.93 -3.35 -19.64
C SER A 349 -43.26 -2.60 -19.74
N LEU A 350 -43.22 -1.30 -19.44
CA LEU A 350 -44.41 -0.47 -19.56
C LEU A 350 -44.84 -0.34 -21.02
N SER A 351 -46.13 -0.49 -21.27
CA SER A 351 -46.66 -0.33 -22.62
C SER A 351 -47.03 1.13 -22.85
N THR A 352 -46.97 1.92 -21.79
CA THR A 352 -47.12 3.37 -21.89
C THR A 352 -45.81 3.98 -22.34
N PHE A 353 -44.74 3.20 -22.24
CA PHE A 353 -43.40 3.65 -22.61
C PHE A 353 -43.01 3.29 -24.06
N GLN A 354 -43.76 2.39 -24.70
CA GLN A 354 -43.44 1.88 -26.02
C GLN A 354 -43.67 2.96 -27.08
N GLN A 355 -43.77 4.20 -26.62
CA GLN A 355 -44.31 5.35 -27.31
C GLN A 355 -43.05 6.22 -27.45
N MET A 356 -42.03 5.84 -26.67
CA MET A 356 -40.80 6.61 -26.46
C MET A 356 -39.63 6.04 -27.27
N TRP A 357 -39.74 4.77 -27.68
CA TRP A 357 -38.66 4.13 -28.44
C TRP A 357 -38.29 4.92 -29.69
N ILE A 358 -37.00 4.95 -30.01
CA ILE A 358 -36.55 5.49 -31.28
C ILE A 358 -36.58 4.36 -32.31
N SER A 359 -37.54 4.41 -33.21
CA SER A 359 -37.69 3.36 -34.22
C SER A 359 -36.64 3.48 -35.31
N LYS A 360 -36.36 2.35 -35.96
CA LYS A 360 -35.42 2.31 -37.09
C LYS A 360 -35.86 3.27 -38.18
N GLU A 361 -37.17 3.38 -38.37
CA GLU A 361 -37.74 4.33 -39.31
C GLU A 361 -37.37 5.76 -38.94
N GLU A 362 -37.58 6.09 -37.66
CA GLU A 362 -37.27 7.42 -37.15
C GLU A 362 -35.79 7.78 -37.31
N TYR A 363 -34.92 6.78 -37.14
CA TYR A 363 -33.48 7.00 -37.26
C TYR A 363 -33.08 7.26 -38.70
N ASP A 364 -33.67 6.50 -39.62
CA ASP A 364 -33.36 6.65 -41.04
C ASP A 364 -33.83 8.01 -41.57
N GLU A 365 -34.82 8.58 -40.89
CA GLU A 365 -35.36 9.88 -41.29
C GLU A 365 -34.57 11.03 -40.67
N SER A 366 -34.19 10.87 -39.41
CA SER A 366 -33.60 11.97 -38.64
C SER A 366 -32.09 11.85 -38.48
N GLY A 367 -31.61 10.63 -38.31
CA GLY A 367 -30.19 10.40 -38.08
C GLY A 367 -29.88 10.31 -36.60
N PRO A 368 -28.57 10.26 -36.26
CA PRO A 368 -28.11 10.13 -34.87
C PRO A 368 -28.60 11.25 -33.97
N GLY A 369 -28.80 12.45 -34.52
CA GLY A 369 -29.18 13.61 -33.73
C GLY A 369 -30.56 13.54 -33.11
N ILE A 370 -31.28 12.46 -33.39
CA ILE A 370 -32.64 12.30 -32.89
C ILE A 370 -32.66 11.97 -31.39
N VAL A 371 -31.55 11.43 -30.89
CA VAL A 371 -31.46 10.97 -29.51
C VAL A 371 -31.65 12.12 -28.51
N HIS A 372 -31.30 13.32 -28.95
CA HIS A 372 -31.44 14.51 -28.11
C HIS A 372 -32.90 14.89 -27.93
N ARG A 373 -33.74 14.44 -28.87
CA ARG A 373 -35.15 14.82 -28.88
C ARG A 373 -36.03 13.77 -28.19
N LYS A 374 -35.65 12.50 -28.31
CA LYS A 374 -36.48 11.42 -27.80
C LYS A 374 -35.99 10.87 -26.46
N CYS A 375 -34.69 10.94 -26.23
CA CYS A 375 -34.11 10.45 -24.98
C CYS A 375 -33.46 11.58 -24.17
N LYS B 22 46.92 28.24 -11.54
CA LYS B 22 45.71 27.68 -12.14
C LYS B 22 45.18 26.48 -11.35
N PRO B 23 43.93 26.59 -10.87
CA PRO B 23 43.26 25.43 -10.27
C PRO B 23 42.94 24.40 -11.34
N GLN B 24 42.59 23.19 -10.93
CA GLN B 24 42.33 22.10 -11.89
C GLN B 24 40.99 22.27 -12.57
N THR B 25 40.24 23.28 -12.17
CA THR B 25 38.97 23.61 -12.80
C THR B 25 39.19 24.38 -14.11
N GLU B 26 40.45 24.74 -14.37
CA GLU B 26 40.79 25.45 -15.59
C GLU B 26 41.89 24.74 -16.38
N LEU B 27 42.15 23.49 -16.01
CA LEU B 27 43.10 22.67 -16.74
C LEU B 27 42.38 21.79 -17.76
N PRO B 28 42.87 21.79 -19.01
CA PRO B 28 42.22 21.11 -20.13
C PRO B 28 42.27 19.58 -20.07
N LEU B 29 41.40 18.94 -20.84
CA LEU B 29 41.37 17.48 -20.93
C LEU B 29 41.91 17.02 -22.28
N GLY B 30 42.30 15.75 -22.37
CA GLY B 30 42.82 15.21 -23.62
C GLY B 30 42.46 13.75 -23.81
N TRP B 31 42.65 13.24 -25.03
CA TRP B 31 42.32 11.85 -25.35
C TRP B 31 43.53 10.93 -25.14
N LYS B 32 43.24 9.68 -24.80
CA LYS B 32 44.28 8.67 -24.62
C LYS B 32 44.39 7.81 -25.87
N GLY B 33 43.26 7.32 -26.34
CA GLY B 33 43.21 6.55 -27.57
C GLY B 33 42.36 7.26 -28.59
N LYS B 34 41.82 6.50 -29.55
CA LYS B 34 40.90 7.08 -30.52
C LYS B 34 39.48 6.99 -29.99
N PRO B 35 38.86 8.15 -29.72
CA PRO B 35 37.49 8.20 -29.19
C PRO B 35 36.49 7.60 -30.16
N LEU B 36 35.36 7.13 -29.62
CA LEU B 36 34.32 6.52 -30.45
C LEU B 36 33.63 7.57 -31.30
N SER B 37 32.96 7.12 -32.37
CA SER B 37 32.25 8.03 -33.25
C SER B 37 31.10 8.71 -32.51
N GLY B 38 31.06 10.03 -32.58
CA GLY B 38 30.04 10.80 -31.89
C GLY B 38 30.57 11.46 -30.63
N ALA B 39 31.83 11.20 -30.32
CA ALA B 39 32.47 11.79 -29.14
C ALA B 39 32.56 13.31 -29.28
N PRO B 40 32.41 14.02 -28.16
CA PRO B 40 32.41 15.49 -28.18
C PRO B 40 33.82 16.10 -28.20
N ASP B 41 33.90 17.39 -28.51
CA ASP B 41 35.17 18.09 -28.50
C ASP B 41 35.57 18.43 -27.08
N LEU B 42 36.80 18.05 -26.71
CA LEU B 42 37.29 18.21 -25.35
C LEU B 42 37.81 19.61 -25.06
N GLU B 43 37.85 20.45 -26.09
CA GLU B 43 38.54 21.73 -26.01
C GLU B 43 37.94 22.68 -24.97
N GLY B 44 36.62 22.71 -24.86
CA GLY B 44 35.96 23.64 -23.96
C GLY B 44 35.58 23.05 -22.62
N MET B 45 35.95 21.78 -22.41
CA MET B 45 35.51 21.07 -21.22
C MET B 45 36.46 21.28 -20.03
N ARG B 46 35.86 21.45 -18.85
CA ARG B 46 36.61 21.61 -17.61
C ARG B 46 36.02 20.74 -16.52
N VAL B 47 36.76 20.59 -15.41
CA VAL B 47 36.29 19.81 -14.27
C VAL B 47 35.60 20.73 -13.27
N ALA B 48 34.62 20.19 -12.54
CA ALA B 48 33.88 20.96 -11.56
C ALA B 48 34.77 21.42 -10.40
N HIS B 59 37.03 6.90 -8.23
CA HIS B 59 35.61 7.23 -8.22
C HIS B 59 35.20 7.99 -9.48
N ILE B 60 34.32 8.97 -9.31
CA ILE B 60 33.71 9.65 -10.46
C ILE B 60 33.62 11.17 -10.28
N SER B 61 34.07 11.90 -11.30
CA SER B 61 33.99 13.36 -11.29
C SER B 61 33.19 13.89 -12.47
N ILE B 62 32.62 15.08 -12.31
CA ILE B 62 31.73 15.65 -13.31
C ILE B 62 32.45 16.67 -14.19
N ILE B 63 32.19 16.63 -15.49
CA ILE B 63 32.81 17.52 -16.46
C ILE B 63 31.79 18.37 -17.22
N GLU B 64 32.09 19.66 -17.37
CA GLU B 64 31.33 20.52 -18.27
C GLU B 64 32.11 20.53 -19.58
N ARG B 70 26.56 17.50 -20.43
CA ARG B 70 27.34 17.13 -19.26
C ARG B 70 27.93 15.73 -19.40
N LEU B 71 29.18 15.58 -18.97
CA LEU B 71 29.90 14.32 -19.10
C LEU B 71 30.36 13.80 -17.74
N VAL B 72 30.85 12.57 -17.71
CA VAL B 72 31.28 11.93 -16.47
C VAL B 72 32.54 11.11 -16.69
N ALA B 73 33.54 11.32 -15.83
CA ALA B 73 34.80 10.59 -15.93
C ALA B 73 34.97 9.62 -14.78
N LYS B 74 35.25 8.36 -15.12
CA LYS B 74 35.55 7.35 -14.12
C LYS B 74 37.06 7.16 -13.99
N ILE B 75 37.60 7.57 -12.85
CA ILE B 75 39.04 7.51 -12.61
C ILE B 75 39.46 6.21 -11.96
N GLY B 82 44.51 -0.53 -16.46
CA GLY B 82 44.28 -1.89 -16.04
C GLY B 82 42.84 -2.34 -16.27
N HIS B 83 42.07 -2.40 -15.19
CA HIS B 83 40.67 -2.82 -15.26
C HIS B 83 39.80 -1.75 -15.92
N LEU B 84 40.31 -0.52 -15.96
CA LEU B 84 39.57 0.58 -16.58
C LEU B 84 39.62 0.48 -18.10
N PHE B 85 40.78 0.13 -18.63
CA PHE B 85 40.95 -0.03 -20.07
C PHE B 85 40.18 -1.24 -20.59
N ALA B 86 40.09 -2.28 -19.76
CA ALA B 86 39.33 -3.47 -20.12
C ALA B 86 37.83 -3.17 -20.10
N GLU B 87 37.44 -2.17 -19.33
CA GLU B 87 36.04 -1.77 -19.24
C GLU B 87 35.61 -1.02 -20.50
N LEU B 88 36.47 -0.13 -20.97
CA LEU B 88 36.21 0.59 -22.22
C LEU B 88 36.09 -0.38 -23.38
N GLU B 89 36.93 -1.42 -23.37
CA GLU B 89 36.92 -2.42 -24.41
C GLU B 89 35.63 -3.23 -24.36
N ALA B 90 35.09 -3.42 -23.17
CA ALA B 90 33.84 -4.13 -22.98
C ALA B 90 32.69 -3.37 -23.63
N TYR B 91 32.65 -2.06 -23.41
CA TYR B 91 31.63 -1.21 -24.01
C TYR B 91 31.72 -1.24 -25.53
N LYS B 92 32.93 -1.15 -26.06
CA LYS B 92 33.14 -1.15 -27.50
C LYS B 92 32.67 -2.46 -28.12
N HIS B 93 32.94 -3.57 -27.43
CA HIS B 93 32.54 -4.89 -27.92
C HIS B 93 31.02 -5.02 -27.96
N ILE B 94 30.37 -4.52 -26.91
CA ILE B 94 28.91 -4.53 -26.83
C ILE B 94 28.30 -3.68 -27.94
N TYR B 95 28.91 -2.52 -28.18
CA TYR B 95 28.40 -1.57 -29.16
C TYR B 95 28.46 -2.12 -30.58
N LYS B 96 29.44 -2.97 -30.86
CA LYS B 96 29.63 -3.46 -32.23
C LYS B 96 28.97 -4.82 -32.44
N THR B 97 28.70 -5.55 -31.37
CA THR B 97 28.10 -6.87 -31.47
C THR B 97 26.60 -6.85 -31.22
N ALA B 98 26.18 -6.10 -30.19
CA ALA B 98 24.77 -6.03 -29.84
C ALA B 98 24.18 -4.66 -30.16
N GLY B 99 25.02 -3.64 -30.14
CA GLY B 99 24.58 -2.28 -30.42
C GLY B 99 24.47 -1.46 -29.14
N LYS B 100 24.24 -0.16 -29.31
CA LYS B 100 24.03 0.70 -28.15
C LYS B 100 22.67 0.43 -27.52
N HIS B 101 22.50 0.85 -26.28
CA HIS B 101 21.27 0.60 -25.56
C HIS B 101 20.89 1.81 -24.70
N PRO B 102 19.61 2.21 -24.73
CA PRO B 102 19.12 3.35 -23.95
C PRO B 102 19.29 3.14 -22.45
N ASN B 103 19.26 1.88 -22.02
CA ASN B 103 19.39 1.55 -20.61
C ASN B 103 20.82 1.19 -20.22
N LEU B 104 21.72 1.28 -21.20
CA LEU B 104 23.14 1.07 -20.93
C LEU B 104 23.88 2.40 -21.08
N ALA B 105 24.98 2.56 -20.35
CA ALA B 105 25.75 3.79 -20.38
C ALA B 105 26.28 4.11 -21.77
N ASN B 106 26.42 5.41 -22.06
CA ASN B 106 26.95 5.86 -23.34
C ASN B 106 28.38 6.36 -23.21
N VAL B 107 29.34 5.50 -23.55
CA VAL B 107 30.76 5.80 -23.34
C VAL B 107 31.41 6.40 -24.59
N HIS B 108 32.24 7.41 -24.40
CA HIS B 108 32.87 8.11 -25.51
C HIS B 108 34.32 7.69 -25.75
N GLY B 109 34.98 7.19 -24.71
CA GLY B 109 36.35 6.73 -24.83
C GLY B 109 37.21 6.99 -23.61
N MET B 110 38.52 6.84 -23.76
CA MET B 110 39.46 7.03 -22.67
C MET B 110 40.16 8.38 -22.75
N ALA B 111 40.14 9.12 -21.65
CA ALA B 111 40.72 10.47 -21.64
C ALA B 111 41.71 10.67 -20.50
N VAL B 112 42.47 11.75 -20.57
CA VAL B 112 43.33 12.16 -19.47
C VAL B 112 42.77 13.42 -18.82
N VAL B 113 42.47 13.32 -17.52
CA VAL B 113 41.82 14.42 -16.81
C VAL B 113 42.68 14.93 -15.66
N PRO B 114 42.58 16.25 -15.39
CA PRO B 114 43.27 16.86 -14.24
C PRO B 114 42.55 16.58 -12.92
N TYR B 115 43.18 15.82 -12.04
CA TYR B 115 42.55 15.48 -10.76
C TYR B 115 43.58 15.13 -9.69
N GLY B 116 43.40 15.70 -8.50
CA GLY B 116 44.23 15.39 -7.35
C GLY B 116 45.70 15.71 -7.54
N ASN B 117 46.00 16.94 -7.99
CA ASN B 117 47.36 17.38 -8.24
C ASN B 117 48.13 16.47 -9.18
N ARG B 118 47.38 15.82 -10.08
CA ARG B 118 47.94 14.85 -11.01
C ARG B 118 47.14 14.84 -12.31
N TYR B 119 47.43 13.86 -13.16
CA TYR B 119 46.62 13.60 -14.34
C TYR B 119 46.28 12.12 -14.41
N TYR B 120 45.00 11.82 -14.56
CA TYR B 120 44.51 10.45 -14.51
C TYR B 120 43.89 9.99 -15.82
N TYR B 121 44.02 8.69 -16.08
CA TYR B 121 43.22 8.05 -17.13
C TYR B 121 41.77 8.01 -16.68
N ALA B 122 40.87 8.45 -17.55
CA ALA B 122 39.46 8.51 -17.19
C ALA B 122 38.54 8.03 -18.29
N LEU B 123 37.57 7.20 -17.92
CA LEU B 123 36.56 6.72 -18.85
C LEU B 123 35.48 7.78 -19.03
N LEU B 124 35.35 8.30 -20.24
CA LEU B 124 34.42 9.38 -20.50
C LEU B 124 33.06 8.87 -20.95
N MET B 125 32.00 9.40 -20.35
CA MET B 125 30.64 8.95 -20.65
C MET B 125 29.60 10.04 -20.41
N ASP B 126 28.46 9.93 -21.08
CA ASP B 126 27.36 10.86 -20.86
C ASP B 126 26.81 10.72 -19.45
N GLU B 127 26.45 11.85 -18.84
CA GLU B 127 25.91 11.84 -17.49
C GLU B 127 24.43 11.48 -17.51
N VAL B 128 24.04 10.54 -16.65
CA VAL B 128 22.63 10.23 -16.45
C VAL B 128 22.08 11.12 -15.35
N ASP B 129 21.48 12.24 -15.75
CA ASP B 129 20.95 13.21 -14.80
C ASP B 129 19.69 12.70 -14.11
N GLY B 130 19.82 12.37 -12.83
CA GLY B 130 18.70 11.86 -12.06
C GLY B 130 19.10 11.33 -10.69
N TRP B 131 18.45 10.26 -10.26
CA TRP B 131 18.74 9.64 -8.97
C TRP B 131 19.23 8.22 -9.15
N ARG B 132 19.91 7.69 -8.13
CA ARG B 132 20.34 6.30 -8.15
C ARG B 132 19.17 5.39 -7.80
N CYS B 133 19.34 4.10 -8.04
CA CYS B 133 18.26 3.12 -7.90
C CYS B 133 17.67 3.07 -6.49
N SER B 134 18.54 3.13 -5.49
CA SER B 134 18.10 3.07 -4.09
C SER B 134 17.24 4.28 -3.73
N ASP B 135 17.65 5.46 -4.20
CA ASP B 135 16.91 6.68 -3.92
C ASP B 135 15.59 6.72 -4.67
N THR B 136 15.58 6.18 -5.89
CA THR B 136 14.40 6.20 -6.74
C THR B 136 13.32 5.25 -6.22
N LEU B 137 13.70 4.02 -5.90
CA LEU B 137 12.74 3.02 -5.45
C LEU B 137 12.20 3.36 -4.06
N ARG B 138 13.01 4.01 -3.24
CA ARG B 138 12.55 4.45 -1.92
C ARG B 138 11.52 5.55 -2.05
N SER B 139 11.76 6.48 -2.98
CA SER B 139 10.83 7.58 -3.23
C SER B 139 9.56 7.09 -3.91
N LEU B 140 9.71 6.07 -4.75
CA LEU B 140 8.57 5.48 -5.45
C LEU B 140 7.62 4.82 -4.48
N ALA B 141 8.17 4.00 -3.59
CA ALA B 141 7.38 3.31 -2.57
C ALA B 141 6.78 4.31 -1.59
N ASP B 142 7.52 5.38 -1.31
CA ASP B 142 7.07 6.40 -0.38
C ASP B 142 5.82 7.11 -0.89
N SER B 143 5.86 7.54 -2.15
CA SER B 143 4.72 8.22 -2.76
C SER B 143 3.52 7.29 -2.84
N TRP B 144 3.80 6.00 -3.00
CA TRP B 144 2.74 4.98 -3.02
C TRP B 144 2.01 4.93 -1.68
N LYS B 145 2.77 4.87 -0.59
CA LYS B 145 2.20 4.77 0.75
C LYS B 145 1.43 6.04 1.11
N GLN B 146 1.90 7.18 0.62
CA GLN B 146 1.28 8.47 0.89
C GLN B 146 0.07 8.71 -0.01
N GLY B 147 -0.21 7.76 -0.89
CA GLY B 147 -1.36 7.85 -1.77
C GLY B 147 -1.19 8.82 -2.93
N LYS B 148 0.05 9.18 -3.22
CA LYS B 148 0.33 10.04 -4.37
C LYS B 148 0.13 9.25 -5.67
N ILE B 149 0.36 7.95 -5.60
CA ILE B 149 0.06 7.05 -6.70
C ILE B 149 -0.62 5.79 -6.16
N ASN B 150 -1.38 5.11 -7.00
CA ASN B 150 -2.10 3.92 -6.56
C ASN B 150 -1.27 2.65 -6.77
N SER B 151 -1.82 1.51 -6.37
CA SER B 151 -1.06 0.25 -6.38
C SER B 151 -0.73 -0.26 -7.77
N GLU B 152 -1.59 0.02 -8.75
CA GLU B 152 -1.34 -0.46 -10.10
C GLU B 152 -0.25 0.38 -10.77
N ALA B 153 -0.09 1.61 -10.30
CA ALA B 153 0.95 2.49 -10.81
C ALA B 153 2.30 2.09 -10.25
N TYR B 154 2.31 1.73 -8.97
CA TYR B 154 3.53 1.32 -8.30
C TYR B 154 4.09 0.03 -8.89
N TRP B 155 3.30 -1.03 -8.85
CA TRP B 155 3.75 -2.34 -9.33
C TRP B 155 3.97 -2.35 -10.84
N GLY B 156 3.19 -1.55 -11.56
CA GLY B 156 3.39 -1.44 -13.00
C GLY B 156 4.76 -0.87 -13.31
N THR B 157 5.16 0.13 -12.53
CA THR B 157 6.47 0.75 -12.68
C THR B 157 7.57 -0.23 -12.29
N ILE B 158 7.37 -0.95 -11.20
CA ILE B 158 8.30 -1.97 -10.74
C ILE B 158 8.57 -3.02 -11.83
N LYS B 159 7.49 -3.49 -12.45
CA LYS B 159 7.61 -4.51 -13.49
C LYS B 159 8.20 -3.91 -14.76
N PHE B 160 7.98 -2.62 -14.97
CA PHE B 160 8.59 -1.91 -16.08
C PHE B 160 10.11 -1.84 -15.91
N ILE B 161 10.54 -1.52 -14.69
CA ILE B 161 11.96 -1.45 -14.36
C ILE B 161 12.61 -2.82 -14.54
N ALA B 162 11.89 -3.87 -14.14
CA ALA B 162 12.39 -5.24 -14.28
C ALA B 162 12.58 -5.63 -15.74
N HIS B 163 11.62 -5.25 -16.59
CA HIS B 163 11.70 -5.58 -18.00
C HIS B 163 12.89 -4.88 -18.67
N ARG B 164 13.21 -3.68 -18.20
CA ARG B 164 14.33 -2.93 -18.74
C ARG B 164 15.67 -3.55 -18.35
N LEU B 165 15.81 -3.87 -17.07
CA LEU B 165 17.05 -4.45 -16.57
C LEU B 165 17.34 -5.81 -17.19
N LEU B 166 16.30 -6.63 -17.33
CA LEU B 166 16.44 -7.95 -17.93
C LEU B 166 16.71 -7.83 -19.43
N ASP B 167 16.28 -6.72 -20.02
CA ASP B 167 16.58 -6.45 -21.43
C ASP B 167 18.05 -6.11 -21.59
N VAL B 168 18.62 -5.46 -20.58
CA VAL B 168 20.03 -5.12 -20.57
C VAL B 168 20.91 -6.36 -20.43
N THR B 169 20.56 -7.23 -19.50
CA THR B 169 21.30 -8.47 -19.28
C THR B 169 21.19 -9.37 -20.51
N ASN B 170 20.05 -9.27 -21.21
CA ASN B 170 19.87 -9.97 -22.47
C ASN B 170 20.75 -9.36 -23.55
N HIS B 171 20.88 -8.04 -23.49
CA HIS B 171 21.69 -7.30 -24.45
C HIS B 171 23.17 -7.62 -24.29
N LEU B 172 23.63 -7.70 -23.05
CA LEU B 172 25.03 -8.04 -22.77
C LEU B 172 25.33 -9.48 -23.14
N ALA B 173 24.33 -10.35 -22.98
CA ALA B 173 24.49 -11.76 -23.29
C ALA B 173 24.73 -11.96 -24.79
N LYS B 174 24.19 -11.04 -25.59
CA LYS B 174 24.41 -11.06 -27.04
C LYS B 174 25.90 -10.91 -27.37
N ALA B 175 26.58 -10.06 -26.61
CA ALA B 175 27.99 -9.79 -26.85
C ALA B 175 28.88 -10.75 -26.08
N GLY B 176 28.27 -11.70 -25.38
CA GLY B 176 29.00 -12.67 -24.60
C GLY B 176 29.66 -12.05 -23.39
N ILE B 177 29.02 -11.03 -22.83
CA ILE B 177 29.57 -10.32 -21.68
C ILE B 177 28.66 -10.42 -20.47
N VAL B 178 29.24 -10.81 -19.33
CA VAL B 178 28.50 -10.89 -18.07
C VAL B 178 28.87 -9.70 -17.19
N HIS B 179 27.86 -9.07 -16.59
CA HIS B 179 28.07 -7.86 -15.82
C HIS B 179 28.70 -8.12 -14.46
N ASN B 180 28.18 -9.13 -13.75
CA ASN B 180 28.73 -9.62 -12.49
C ASN B 180 28.59 -8.69 -11.28
N ASP B 181 28.09 -7.47 -11.50
CA ASP B 181 27.96 -6.53 -10.38
C ASP B 181 26.78 -5.59 -10.52
N ILE B 182 25.61 -6.14 -10.82
CA ILE B 182 24.39 -5.34 -10.87
C ILE B 182 23.83 -5.14 -9.46
N LYS B 183 23.66 -3.88 -9.07
CA LYS B 183 23.19 -3.53 -7.74
C LYS B 183 22.63 -2.11 -7.77
N PRO B 184 21.90 -1.69 -6.71
CA PRO B 184 21.29 -0.35 -6.70
C PRO B 184 22.29 0.78 -6.92
N GLY B 185 23.54 0.58 -6.54
CA GLY B 185 24.56 1.60 -6.72
C GLY B 185 24.95 1.79 -8.18
N ASN B 186 24.81 0.73 -8.97
CA ASN B 186 25.21 0.76 -10.38
C ASN B 186 24.04 1.02 -11.33
N VAL B 187 22.90 1.43 -10.78
CA VAL B 187 21.74 1.75 -11.58
C VAL B 187 21.25 3.17 -11.30
N VAL B 188 21.24 4.00 -12.35
CA VAL B 188 20.80 5.39 -12.21
C VAL B 188 19.62 5.68 -13.13
N PHE B 189 18.59 6.31 -12.57
CA PHE B 189 17.40 6.69 -13.35
C PHE B 189 17.55 8.08 -13.95
N ASP B 190 17.15 8.21 -15.22
CA ASP B 190 17.22 9.50 -15.91
C ASP B 190 15.94 10.30 -15.69
N ARG B 191 16.09 11.52 -15.19
CA ARG B 191 14.93 12.37 -14.90
C ARG B 191 14.11 12.70 -16.15
N ALA B 192 14.80 13.04 -17.23
CA ALA B 192 14.14 13.53 -18.44
C ALA B 192 13.29 12.47 -19.12
N SER B 193 13.69 11.21 -18.99
CA SER B 193 13.00 10.12 -19.69
C SER B 193 12.39 9.09 -18.75
N GLY B 194 12.76 9.15 -17.47
CA GLY B 194 12.28 8.19 -16.50
C GLY B 194 12.81 6.80 -16.77
N GLU B 195 14.01 6.73 -17.34
CA GLU B 195 14.58 5.46 -17.76
C GLU B 195 15.71 5.01 -16.85
N PRO B 196 15.70 3.72 -16.45
CA PRO B 196 16.79 3.15 -15.67
C PRO B 196 18.02 2.88 -16.53
N VAL B 197 19.19 3.31 -16.07
CA VAL B 197 20.42 3.11 -16.82
C VAL B 197 21.50 2.49 -15.95
N VAL B 198 22.03 1.34 -16.36
CA VAL B 198 23.16 0.74 -15.68
C VAL B 198 24.44 1.44 -16.15
N ILE B 199 25.35 1.70 -15.23
CA ILE B 199 26.47 2.61 -15.50
C ILE B 199 27.85 2.08 -15.15
N ASP B 200 27.97 0.78 -14.91
CA ASP B 200 29.28 0.22 -14.57
C ASP B 200 29.53 -1.14 -15.21
N LEU B 201 30.77 -1.35 -15.64
CA LEU B 201 31.18 -2.62 -16.24
C LEU B 201 32.57 -3.03 -15.77
N GLY B 202 33.00 -2.46 -14.64
CA GLY B 202 34.35 -2.66 -14.14
C GLY B 202 34.67 -4.07 -13.68
N LEU B 203 33.63 -4.84 -13.35
CA LEU B 203 33.82 -6.20 -12.84
C LEU B 203 33.34 -7.24 -13.85
N HIS B 204 33.14 -6.80 -15.09
CA HIS B 204 32.63 -7.67 -16.14
C HIS B 204 33.57 -8.83 -16.44
N SER B 205 33.07 -9.78 -17.21
CA SER B 205 33.86 -10.90 -17.71
C SER B 205 33.14 -11.55 -18.89
N ARG B 206 33.88 -12.31 -19.69
CA ARG B 206 33.27 -13.04 -20.80
C ARG B 206 32.56 -14.28 -20.28
N SER B 207 31.64 -14.80 -21.08
CA SER B 207 30.84 -15.95 -20.69
C SER B 207 31.69 -17.19 -20.50
N GLY B 208 31.78 -17.69 -19.27
CA GLY B 208 32.50 -18.91 -18.99
C GLY B 208 33.82 -18.70 -18.26
N GLU B 209 34.23 -17.45 -18.11
CA GLU B 209 35.46 -17.15 -17.39
C GLU B 209 35.14 -16.55 -16.02
N GLN B 210 36.11 -16.62 -15.11
CA GLN B 210 35.91 -16.14 -13.74
C GLN B 210 35.66 -14.63 -13.70
N PRO B 211 34.69 -14.21 -12.88
CA PRO B 211 34.32 -12.80 -12.73
C PRO B 211 35.46 -11.97 -12.15
N LYS B 212 35.60 -10.72 -12.61
CA LYS B 212 36.63 -9.83 -12.11
C LYS B 212 36.36 -9.46 -10.65
N GLY B 213 35.09 -9.49 -10.26
CA GLY B 213 34.69 -9.18 -8.90
C GLY B 213 33.20 -9.30 -8.74
N PHE B 214 32.73 -9.15 -7.50
CA PHE B 214 31.30 -9.22 -7.22
C PHE B 214 30.96 -8.57 -5.87
N THR B 215 29.68 -8.26 -5.68
CA THR B 215 29.21 -7.78 -4.39
C THR B 215 28.60 -8.94 -3.61
N GLU B 216 29.21 -9.24 -2.47
CA GLU B 216 28.86 -10.41 -1.67
C GLU B 216 27.40 -10.38 -1.18
N SER B 217 26.85 -9.18 -1.05
CA SER B 217 25.49 -9.01 -0.52
C SER B 217 24.40 -9.34 -1.55
N PHE B 218 24.73 -9.21 -2.84
CA PHE B 218 23.74 -9.41 -3.90
C PHE B 218 24.02 -10.62 -4.78
N LYS B 219 25.24 -11.16 -4.69
CA LYS B 219 25.70 -12.16 -5.64
C LYS B 219 24.95 -13.48 -5.58
N ALA B 220 24.99 -14.21 -6.69
CA ALA B 220 24.42 -15.55 -6.78
C ALA B 220 25.31 -16.55 -6.03
N PRO B 221 24.73 -17.68 -5.60
CA PRO B 221 25.50 -18.70 -4.87
C PRO B 221 26.72 -19.21 -5.64
N GLU B 222 26.59 -19.37 -6.94
CA GLU B 222 27.66 -19.95 -7.75
C GLU B 222 28.67 -18.93 -8.25
N LEU B 223 28.27 -17.65 -8.24
CA LEU B 223 29.13 -16.58 -8.74
C LEU B 223 30.41 -16.42 -7.93
N GLY B 224 31.55 -16.63 -8.58
CA GLY B 224 32.84 -16.44 -7.94
C GLY B 224 33.41 -17.71 -7.33
N VAL B 225 32.69 -18.82 -7.46
CA VAL B 225 33.16 -20.09 -6.93
C VAL B 225 33.36 -21.09 -8.07
N GLY B 226 34.35 -21.97 -7.92
CA GLY B 226 34.66 -22.95 -8.95
C GLY B 226 35.54 -22.36 -10.04
N GLY B 229 32.26 -20.73 -15.01
CA GLY B 229 32.53 -19.37 -14.56
C GLY B 229 31.27 -18.55 -14.42
N ALA B 230 31.35 -17.27 -14.78
CA ALA B 230 30.21 -16.38 -14.72
C ALA B 230 29.19 -16.75 -15.81
N SER B 231 27.98 -16.23 -15.69
CA SER B 231 26.93 -16.56 -16.65
C SER B 231 25.85 -15.49 -16.70
N GLU B 232 25.04 -15.52 -17.76
CA GLU B 232 23.88 -14.64 -17.88
C GLU B 232 22.90 -14.90 -16.76
N LYS B 233 22.83 -16.16 -16.34
CA LYS B 233 21.92 -16.56 -15.28
C LYS B 233 22.39 -16.09 -13.90
N SER B 234 23.61 -15.58 -13.84
CA SER B 234 24.11 -14.96 -12.62
C SER B 234 23.71 -13.49 -12.62
N ASP B 235 23.65 -12.90 -13.81
CA ASP B 235 23.23 -11.52 -13.96
C ASP B 235 21.74 -11.36 -13.69
N VAL B 236 20.96 -12.37 -14.09
CA VAL B 236 19.52 -12.36 -13.85
C VAL B 236 19.26 -12.39 -12.35
N PHE B 237 20.06 -13.19 -11.63
CA PHE B 237 20.01 -13.25 -10.18
C PHE B 237 20.20 -11.85 -9.59
N LEU B 238 21.24 -11.15 -10.07
CA LEU B 238 21.56 -9.82 -9.57
C LEU B 238 20.43 -8.83 -9.81
N VAL B 239 19.82 -8.92 -10.98
CA VAL B 239 18.70 -8.04 -11.34
C VAL B 239 17.56 -8.16 -10.33
N VAL B 240 17.22 -9.40 -9.98
CA VAL B 240 16.12 -9.66 -9.07
C VAL B 240 16.46 -9.25 -7.63
N SER B 241 17.66 -9.63 -7.17
CA SER B 241 18.09 -9.28 -5.81
C SER B 241 18.19 -7.77 -5.65
N THR B 242 18.53 -7.09 -6.74
CA THR B 242 18.59 -5.62 -6.75
C THR B 242 17.19 -5.03 -6.59
N LEU B 243 16.23 -5.59 -7.33
CA LEU B 243 14.84 -5.16 -7.22
C LEU B 243 14.26 -5.53 -5.86
N LEU B 244 14.57 -6.73 -5.39
CA LEU B 244 14.11 -7.20 -4.08
C LEU B 244 14.59 -6.26 -2.98
N HIS B 245 15.78 -5.69 -3.17
CA HIS B 245 16.36 -4.76 -2.22
C HIS B 245 15.50 -3.50 -2.05
N GLY B 246 15.05 -2.96 -3.17
CA GLY B 246 14.31 -1.70 -3.16
C GLY B 246 12.82 -1.85 -2.96
N ILE B 247 12.29 -3.04 -3.21
CA ILE B 247 10.88 -3.31 -2.99
C ILE B 247 10.60 -3.56 -1.51
N GLU B 248 11.42 -4.40 -0.90
CA GLU B 248 11.25 -4.78 0.50
C GLU B 248 11.82 -3.74 1.45
N GLY B 249 12.75 -2.93 0.95
CA GLY B 249 13.40 -1.93 1.78
C GLY B 249 14.45 -2.54 2.70
N PHE B 250 15.40 -3.26 2.10
CA PHE B 250 16.45 -3.93 2.85
C PHE B 250 17.41 -2.95 3.55
N GLU B 251 17.34 -1.68 3.17
CA GLU B 251 18.23 -0.67 3.73
C GLU B 251 17.83 -0.32 5.17
N LYS B 252 16.70 -0.84 5.62
CA LYS B 252 16.24 -0.62 6.98
C LYS B 252 16.56 -1.81 7.88
N ASP B 253 17.19 -2.83 7.30
CA ASP B 253 17.54 -4.03 8.04
C ASP B 253 18.85 -4.63 7.53
N PRO B 254 19.99 -4.15 8.06
CA PRO B 254 21.32 -4.55 7.63
C PRO B 254 21.70 -5.99 8.02
N GLU B 255 20.84 -6.66 8.76
CA GLU B 255 21.13 -8.00 9.25
C GLU B 255 20.73 -9.07 8.23
N ILE B 256 20.01 -8.65 7.19
CA ILE B 256 19.61 -9.59 6.14
C ILE B 256 20.21 -9.19 4.80
N LYS B 257 20.37 -10.18 3.92
CA LYS B 257 20.99 -9.96 2.63
C LYS B 257 20.03 -10.30 1.50
N PRO B 258 19.91 -9.43 0.50
CA PRO B 258 18.97 -9.57 -0.62
C PRO B 258 19.05 -10.94 -1.31
N ASN B 259 20.24 -11.53 -1.37
CA ASN B 259 20.42 -12.80 -2.05
C ASN B 259 19.84 -13.99 -1.27
N GLN B 260 19.37 -13.71 -0.05
CA GLN B 260 18.74 -14.75 0.76
C GLN B 260 17.26 -14.89 0.43
N GLY B 261 16.78 -14.02 -0.46
CA GLY B 261 15.40 -14.09 -0.91
C GLY B 261 14.40 -13.66 0.14
N LEU B 262 13.31 -14.41 0.24
CA LEU B 262 12.23 -14.09 1.18
C LEU B 262 12.02 -15.19 2.22
N ARG B 263 11.78 -14.79 3.46
CA ARG B 263 11.36 -15.71 4.50
C ARG B 263 9.84 -15.84 4.50
N PHE B 264 9.35 -17.03 4.82
CA PHE B 264 7.91 -17.26 4.83
C PHE B 264 7.37 -17.56 6.23
N ILE B 265 6.65 -16.59 6.79
CA ILE B 265 5.96 -16.78 8.05
C ILE B 265 4.46 -16.83 7.79
N THR B 266 3.88 -18.03 7.87
CA THR B 266 2.49 -18.23 7.45
C THR B 266 1.55 -18.52 8.62
N SER B 267 2.05 -19.17 9.66
CA SER B 267 1.22 -19.52 10.81
C SER B 267 1.26 -18.44 11.89
N GLU B 268 2.05 -17.41 11.64
CA GLU B 268 2.20 -16.30 12.58
C GLU B 268 2.13 -14.98 11.81
N PRO B 269 1.90 -13.86 12.51
CA PRO B 269 1.95 -12.56 11.82
C PRO B 269 3.28 -12.30 11.14
N ALA B 270 3.24 -12.07 9.83
CA ALA B 270 4.45 -11.78 9.05
C ALA B 270 4.74 -10.29 9.08
N HIS B 271 4.22 -9.61 10.10
CA HIS B 271 4.34 -8.17 10.20
C HIS B 271 4.56 -7.74 11.65
N VAL B 272 4.78 -6.45 11.85
CA VAL B 272 4.86 -5.88 13.18
C VAL B 272 3.82 -4.77 13.33
N MET B 273 3.39 -4.54 14.57
CA MET B 273 2.38 -3.53 14.84
C MET B 273 3.00 -2.24 15.35
N ASP B 274 2.37 -1.11 15.05
CA ASP B 274 2.83 0.17 15.55
C ASP B 274 1.98 0.62 16.74
N GLU B 275 2.07 1.90 17.06
CA GLU B 275 1.40 2.46 18.25
C GLU B 275 -0.12 2.32 18.20
N ASN B 276 -0.72 2.63 17.04
CA ASN B 276 -2.17 2.74 16.94
C ASN B 276 -2.86 1.54 16.29
N GLY B 277 -2.13 0.46 16.08
CA GLY B 277 -2.73 -0.78 15.60
C GLY B 277 -2.54 -1.06 14.11
N TYR B 278 -1.78 -0.22 13.43
CA TYR B 278 -1.49 -0.44 12.01
C TYR B 278 -0.37 -1.46 11.83
N PRO B 279 -0.64 -2.52 11.05
CA PRO B 279 0.42 -3.47 10.69
C PRO B 279 1.53 -2.79 9.89
N ILE B 280 2.78 -3.22 10.11
CA ILE B 280 3.91 -2.68 9.38
C ILE B 280 4.67 -3.78 8.66
N HIS B 281 4.95 -3.58 7.38
CA HIS B 281 5.65 -4.55 6.57
C HIS B 281 7.05 -4.84 7.11
N ARG B 282 7.40 -6.12 7.19
CA ARG B 282 8.75 -6.53 7.59
C ARG B 282 9.59 -6.87 6.36
N PRO B 283 10.68 -6.13 6.15
CA PRO B 283 11.59 -6.35 5.01
C PRO B 283 12.06 -7.80 4.92
N GLY B 284 11.80 -8.44 3.79
CA GLY B 284 12.26 -9.80 3.55
C GLY B 284 11.30 -10.87 4.03
N ILE B 285 10.18 -10.45 4.60
CA ILE B 285 9.20 -11.39 5.13
C ILE B 285 7.92 -11.41 4.30
N ALA B 286 7.48 -12.61 3.93
CA ALA B 286 6.25 -12.78 3.17
C ALA B 286 5.23 -13.58 3.96
N GLY B 287 3.97 -13.16 3.90
CA GLY B 287 2.91 -13.82 4.64
C GLY B 287 2.09 -14.77 3.80
N VAL B 288 2.22 -14.67 2.48
CA VAL B 288 1.48 -15.53 1.57
C VAL B 288 2.22 -15.66 0.24
N GLU B 289 2.14 -16.83 -0.38
CA GLU B 289 2.81 -17.08 -1.64
C GLU B 289 2.02 -16.44 -2.80
N THR B 290 2.65 -15.51 -3.49
CA THR B 290 2.03 -14.84 -4.64
C THR B 290 2.95 -14.86 -5.85
N ALA B 291 2.51 -14.21 -6.92
CA ALA B 291 3.31 -14.11 -8.14
C ALA B 291 4.64 -13.41 -7.87
N TYR B 292 4.61 -12.45 -6.95
CA TYR B 292 5.80 -11.73 -6.55
C TYR B 292 6.79 -12.64 -5.82
N THR B 293 6.29 -13.46 -4.91
CA THR B 293 7.14 -14.35 -4.14
C THR B 293 7.64 -15.52 -4.99
N ARG B 294 6.82 -15.96 -5.93
CA ARG B 294 7.23 -17.01 -6.86
C ARG B 294 8.36 -16.52 -7.75
N PHE B 295 8.26 -15.26 -8.17
CA PHE B 295 9.29 -14.64 -8.99
C PHE B 295 10.63 -14.65 -8.28
N ILE B 296 10.62 -14.33 -6.99
CA ILE B 296 11.82 -14.36 -6.17
C ILE B 296 12.31 -15.80 -5.97
N THR B 297 11.37 -16.69 -5.68
CA THR B 297 11.68 -18.09 -5.42
C THR B 297 12.19 -18.81 -6.67
N ASP B 298 11.54 -18.58 -7.80
CA ASP B 298 11.89 -19.26 -9.05
C ASP B 298 13.24 -18.80 -9.62
N ILE B 299 13.81 -17.77 -9.01
CA ILE B 299 15.07 -17.21 -9.51
C ILE B 299 16.15 -17.21 -8.44
N LEU B 300 15.91 -16.51 -7.34
CA LEU B 300 16.91 -16.40 -6.28
C LEU B 300 17.06 -17.68 -5.48
N GLY B 301 16.08 -18.58 -5.59
CA GLY B 301 16.08 -19.79 -4.79
C GLY B 301 16.33 -21.07 -5.56
N VAL B 302 16.88 -20.95 -6.77
CA VAL B 302 17.19 -22.13 -7.58
C VAL B 302 18.64 -22.10 -8.07
N SER B 303 19.14 -23.26 -8.47
CA SER B 303 20.48 -23.36 -9.05
C SER B 303 20.53 -22.64 -10.39
N ALA B 304 21.74 -22.41 -10.89
CA ALA B 304 21.93 -21.72 -12.17
C ALA B 304 21.24 -22.48 -13.31
N ASP B 305 21.34 -23.80 -13.28
CA ASP B 305 20.76 -24.64 -14.34
C ASP B 305 19.25 -24.47 -14.43
N SER B 306 18.57 -24.44 -13.29
CA SER B 306 17.12 -24.34 -13.25
C SER B 306 16.64 -22.90 -13.32
N ARG B 307 17.57 -21.96 -13.17
CA ARG B 307 17.23 -20.54 -13.20
C ARG B 307 16.98 -20.06 -14.61
N PRO B 308 15.88 -19.30 -14.81
CA PRO B 308 15.54 -18.76 -16.13
C PRO B 308 16.51 -17.68 -16.59
N ASP B 309 16.71 -17.57 -17.90
CA ASP B 309 17.53 -16.49 -18.44
C ASP B 309 16.74 -15.19 -18.50
N SER B 310 17.29 -14.19 -19.16
CA SER B 310 16.65 -12.88 -19.23
C SER B 310 15.30 -12.92 -19.93
N ASN B 311 15.23 -13.59 -21.07
CA ASN B 311 13.99 -13.69 -21.83
C ASN B 311 12.93 -14.54 -21.13
N GLU B 312 13.38 -15.63 -20.49
CA GLU B 312 12.47 -16.50 -19.75
C GLU B 312 11.86 -15.79 -18.55
N ALA B 313 12.69 -15.02 -17.84
CA ALA B 313 12.26 -14.32 -16.64
C ALA B 313 11.19 -13.28 -16.95
N ARG B 314 11.24 -12.73 -18.16
CA ARG B 314 10.27 -11.71 -18.57
C ARG B 314 8.94 -12.34 -18.95
N LEU B 315 8.92 -13.66 -19.05
CA LEU B 315 7.68 -14.39 -19.34
C LEU B 315 7.05 -14.93 -18.06
N HIS B 316 7.67 -14.62 -16.93
CA HIS B 316 7.18 -15.08 -15.64
C HIS B 316 5.84 -14.43 -15.29
N GLU B 317 5.02 -15.15 -14.52
CA GLU B 317 3.72 -14.68 -14.08
C GLU B 317 3.76 -13.26 -13.53
N PHE B 318 4.79 -12.97 -12.75
CA PHE B 318 4.94 -11.65 -12.12
C PHE B 318 5.17 -10.54 -13.14
N LEU B 319 5.95 -10.84 -14.18
CA LEU B 319 6.28 -9.83 -15.18
C LEU B 319 5.32 -9.84 -16.37
N SER B 320 4.49 -10.87 -16.45
CA SER B 320 3.53 -11.01 -17.54
C SER B 320 2.18 -10.39 -17.19
N ASP B 321 1.77 -10.58 -15.94
CA ASP B 321 0.45 -10.16 -15.50
C ASP B 321 0.52 -8.97 -14.54
N GLY B 322 -0.21 -7.91 -14.87
CA GLY B 322 -0.27 -6.74 -14.01
C GLY B 322 0.61 -5.60 -14.48
N THR B 323 0.94 -5.60 -15.76
CA THR B 323 1.78 -4.57 -16.35
C THR B 323 0.96 -3.37 -16.81
N ILE B 324 1.64 -2.25 -17.04
CA ILE B 324 1.00 -1.06 -17.58
C ILE B 324 1.76 -0.58 -18.82
N ASP B 325 1.24 0.47 -19.46
CA ASP B 325 1.90 1.04 -20.63
C ASP B 325 3.26 1.61 -20.24
N GLU B 326 4.25 1.44 -21.13
CA GLU B 326 5.60 1.89 -20.87
C GLU B 326 5.66 3.40 -20.61
N GLU B 327 4.88 4.17 -21.36
CA GLU B 327 4.90 5.62 -21.21
C GLU B 327 4.27 6.06 -19.90
N SER B 328 3.28 5.31 -19.43
CA SER B 328 2.67 5.59 -18.15
C SER B 328 3.68 5.35 -17.03
N ALA B 329 4.42 4.25 -17.15
CA ALA B 329 5.46 3.92 -16.19
C ALA B 329 6.58 4.95 -16.21
N LYS B 330 7.00 5.31 -17.42
CA LYS B 330 8.04 6.33 -17.60
C LYS B 330 7.61 7.67 -17.02
N GLN B 331 6.33 7.99 -17.15
CA GLN B 331 5.80 9.24 -16.64
C GLN B 331 5.80 9.27 -15.12
N ILE B 332 5.52 8.13 -14.50
CA ILE B 332 5.51 8.02 -13.05
C ILE B 332 6.90 8.22 -12.48
N LEU B 333 7.90 7.66 -13.16
CA LEU B 333 9.29 7.81 -12.75
C LEU B 333 9.76 9.25 -12.94
N LYS B 334 9.32 9.90 -14.02
CA LYS B 334 9.61 11.31 -14.24
C LYS B 334 9.08 12.15 -13.08
N ASP B 335 7.82 11.94 -12.73
CA ASP B 335 7.18 12.69 -11.66
C ASP B 335 7.86 12.43 -10.31
N THR B 336 8.35 11.21 -10.12
CA THR B 336 9.08 10.86 -8.90
C THR B 336 10.41 11.60 -8.83
N LEU B 337 11.15 11.57 -9.93
CA LEU B 337 12.49 12.17 -9.97
C LEU B 337 12.46 13.68 -9.98
N THR B 338 11.33 14.26 -10.39
CA THR B 338 11.18 15.72 -10.40
C THR B 338 10.57 16.22 -9.09
N GLY B 339 10.26 15.28 -8.20
CA GLY B 339 9.67 15.62 -6.91
C GLY B 339 10.70 15.70 -5.81
N GLU B 340 10.24 15.50 -4.58
CA GLU B 340 11.13 15.54 -3.42
C GLU B 340 11.67 14.15 -3.11
N MET B 341 12.98 14.05 -2.93
CA MET B 341 13.62 12.76 -2.67
C MET B 341 13.34 12.29 -1.25
N SER B 342 12.96 11.02 -1.12
CA SER B 342 12.80 10.41 0.20
C SER B 342 14.17 10.07 0.76
N PRO B 343 14.53 10.70 1.88
CA PRO B 343 15.87 10.58 2.46
C PRO B 343 16.15 9.19 3.02
N LEU B 344 17.42 8.83 3.10
CA LEU B 344 17.84 7.57 3.70
C LEU B 344 17.44 7.57 5.17
N PRO B 345 16.54 6.65 5.57
CA PRO B 345 16.01 6.60 6.93
C PRO B 345 17.10 6.39 7.98
N THR B 346 17.22 7.33 8.91
CA THR B 346 18.17 7.21 10.01
C THR B 346 17.47 6.82 11.30
N ASP B 347 18.10 5.92 12.06
CA ASP B 347 17.54 5.39 13.31
C ASP B 347 16.15 4.79 13.10
N VAL B 348 16.01 4.00 12.04
CA VAL B 348 14.76 3.31 11.74
C VAL B 348 14.91 1.83 12.09
N ARG B 349 16.16 1.42 12.29
CA ARG B 349 16.50 0.03 12.54
C ARG B 349 15.90 -0.52 13.83
N ARG B 350 15.22 -1.66 13.74
CA ARG B 350 14.64 -2.32 14.90
C ARG B 350 15.73 -2.83 15.83
N ILE B 351 15.51 -2.75 17.13
CA ILE B 351 16.48 -3.26 18.09
C ILE B 351 16.34 -4.77 18.22
N THR B 352 17.33 -5.48 17.68
CA THR B 352 17.37 -6.94 17.70
C THR B 352 18.48 -7.39 18.63
N PRO B 353 18.48 -8.68 19.02
CA PRO B 353 19.59 -9.19 19.83
C PRO B 353 20.97 -8.90 19.23
N TYR B 354 21.08 -8.97 17.90
CA TYR B 354 22.33 -8.66 17.22
C TYR B 354 22.71 -7.20 17.40
N TYR B 355 21.77 -6.31 17.12
CA TYR B 355 22.02 -4.87 17.18
C TYR B 355 22.22 -4.40 18.61
N LEU B 356 21.56 -5.05 19.56
CA LEU B 356 21.71 -4.71 20.97
C LEU B 356 23.12 -5.07 21.43
N ARG B 357 23.62 -6.19 20.94
CA ARG B 357 24.98 -6.63 21.24
C ARG B 357 25.99 -5.66 20.63
N GLU B 358 25.65 -5.12 19.47
CA GLU B 358 26.51 -4.15 18.79
C GLU B 358 26.61 -2.87 19.63
N LEU B 359 25.47 -2.42 20.14
CA LEU B 359 25.43 -1.24 21.00
C LEU B 359 26.20 -1.52 22.30
N SER B 360 26.14 -2.76 22.76
CA SER B 360 26.86 -3.17 23.95
C SER B 360 28.36 -3.14 23.72
N ASP B 361 28.78 -3.57 22.52
CA ASP B 361 30.19 -3.56 22.15
C ASP B 361 30.75 -2.14 22.15
N LEU B 362 29.92 -1.19 21.74
CA LEU B 362 30.33 0.21 21.67
C LEU B 362 30.61 0.77 23.07
N LEU B 363 29.79 0.37 24.04
CA LEU B 363 29.95 0.83 25.41
C LEU B 363 31.19 0.24 26.06
N ARG B 364 31.51 -1.00 25.72
CA ARG B 364 32.63 -1.70 26.34
C ARG B 364 33.97 -1.11 25.90
N THR B 365 34.00 -0.51 24.72
CA THR B 365 35.22 0.15 24.24
C THR B 365 35.48 1.39 25.09
N HIS B 366 34.41 2.03 25.55
CA HIS B 366 34.53 3.19 26.43
C HIS B 366 35.04 2.76 27.79
N LEU B 367 34.57 1.60 28.26
CA LEU B 367 35.03 1.04 29.52
C LEU B 367 36.51 0.68 29.45
N SER B 368 36.92 0.14 28.31
CA SER B 368 38.31 -0.23 28.09
C SER B 368 39.22 0.99 28.01
N SER B 369 38.76 2.02 27.31
CA SER B 369 39.52 3.25 27.16
C SER B 369 39.69 3.97 28.50
N ALA B 370 38.70 3.81 29.37
CA ALA B 370 38.75 4.43 30.70
C ALA B 370 39.79 3.75 31.58
N ALA B 371 39.98 2.45 31.37
CA ALA B 371 40.97 1.69 32.11
C ALA B 371 42.39 2.03 31.65
N THR B 372 42.50 2.50 30.42
CA THR B 372 43.79 2.87 29.86
C THR B 372 43.94 4.39 29.74
N LYS B 373 43.12 5.12 30.48
CA LYS B 373 43.21 6.57 30.62
C LYS B 373 43.15 7.32 29.29
N GLN B 374 42.44 6.76 28.32
CA GLN B 374 42.23 7.46 27.05
C GLN B 374 40.73 7.49 26.72
N LEU B 375 39.92 7.65 27.75
CA LEU B 375 38.48 7.75 27.61
C LEU B 375 38.07 9.09 27.01
N ASP B 376 37.31 9.03 25.91
CA ASP B 376 36.77 10.25 25.32
C ASP B 376 35.50 10.63 26.05
N MET B 377 35.59 11.63 26.91
CA MET B 377 34.48 12.03 27.77
C MET B 377 33.30 12.58 26.97
N GLY B 378 33.59 13.20 25.84
CA GLY B 378 32.56 13.82 25.03
C GLY B 378 31.69 12.82 24.28
N VAL B 379 32.32 11.84 23.65
CA VAL B 379 31.59 10.89 22.81
C VAL B 379 30.93 9.79 23.63
N VAL B 380 31.33 9.63 24.90
CA VAL B 380 30.76 8.59 25.74
C VAL B 380 29.41 9.04 26.31
N LEU B 381 29.25 10.35 26.49
CA LEU B 381 27.99 10.90 26.97
C LEU B 381 26.95 10.92 25.84
N SER B 382 27.42 11.20 24.64
CA SER B 382 26.54 11.25 23.47
C SER B 382 26.14 9.85 23.01
N ASP B 383 27.05 8.89 23.16
CA ASP B 383 26.75 7.51 22.82
C ASP B 383 25.72 6.94 23.79
N LEU B 384 25.86 7.29 25.06
CA LEU B 384 24.92 6.84 26.09
C LEU B 384 23.51 7.36 25.83
N ASP B 385 23.41 8.51 25.18
CA ASP B 385 22.12 9.10 24.86
C ASP B 385 21.41 8.30 23.78
N THR B 386 22.18 7.75 22.84
CA THR B 386 21.59 6.91 21.79
C THR B 386 21.17 5.57 22.37
N MET B 387 21.86 5.14 23.44
CA MET B 387 21.53 3.90 24.11
C MET B 387 20.14 3.99 24.74
N LEU B 388 19.84 5.12 25.37
CA LEU B 388 18.55 5.33 26.00
C LEU B 388 17.44 5.37 24.95
N VAL B 389 17.71 6.03 23.83
CA VAL B 389 16.77 6.08 22.72
C VAL B 389 16.54 4.67 22.17
N ALA B 390 17.61 3.89 22.10
CA ALA B 390 17.53 2.51 21.64
C ALA B 390 16.75 1.65 22.63
N LEU B 391 16.98 1.87 23.92
CA LEU B 391 16.32 1.10 24.96
C LEU B 391 14.83 1.42 25.03
N ASP B 392 14.48 2.68 24.86
CA ASP B 392 13.08 3.09 24.84
C ASP B 392 12.36 2.47 23.65
N LYS B 393 13.00 2.53 22.50
CA LYS B 393 12.44 1.97 21.27
C LYS B 393 12.28 0.45 21.39
N ALA B 394 13.17 -0.18 22.14
CA ALA B 394 13.13 -1.63 22.33
C ALA B 394 12.03 -2.04 23.30
N GLU B 395 11.65 -1.11 24.19
CA GLU B 395 10.60 -1.38 25.17
C GLU B 395 9.21 -1.31 24.54
N ARG B 396 8.94 -0.24 23.81
CA ARG B 396 7.64 -0.04 23.18
C ARG B 396 7.41 -1.07 22.08
N GLU B 397 8.47 -1.40 21.35
CA GLU B 397 8.41 -2.47 20.35
C GLU B 397 8.73 -3.80 21.03
N GLY B 398 8.73 -4.88 20.26
CA GLY B 398 9.02 -6.19 20.82
C GLY B 398 10.37 -6.75 20.39
N GLY B 399 10.44 -8.06 20.23
CA GLY B 399 11.64 -8.71 19.73
C GLY B 399 12.61 -9.16 20.80
N VAL B 400 13.47 -8.24 21.22
CA VAL B 400 14.53 -8.53 22.19
C VAL B 400 13.97 -8.99 23.53
N ASP B 401 14.53 -10.07 24.07
CA ASP B 401 14.12 -10.60 25.36
C ASP B 401 14.36 -9.60 26.48
N LYS B 402 13.57 -9.71 27.54
CA LYS B 402 13.65 -8.78 28.66
C LYS B 402 14.93 -8.99 29.47
N ASP B 403 15.46 -10.20 29.42
CA ASP B 403 16.71 -10.51 30.12
C ASP B 403 17.86 -9.72 29.50
N GLN B 404 17.84 -9.58 28.18
CA GLN B 404 18.85 -8.80 27.48
C GLN B 404 18.66 -7.31 27.71
N LEU B 405 17.41 -6.92 27.97
CA LEU B 405 17.09 -5.52 28.25
C LEU B 405 17.63 -5.07 29.59
N LYS B 406 17.39 -5.88 30.62
CA LYS B 406 17.91 -5.58 31.97
C LYS B 406 19.43 -5.62 31.95
N SER B 407 19.98 -6.53 31.16
CA SER B 407 21.43 -6.66 31.00
C SER B 407 21.99 -5.41 30.33
N PHE B 408 21.31 -4.96 29.28
CA PHE B 408 21.71 -3.76 28.55
C PHE B 408 21.57 -2.52 29.42
N ASN B 409 20.55 -2.51 30.26
CA ASN B 409 20.31 -1.40 31.17
C ASN B 409 21.38 -1.35 32.26
N SER B 410 21.82 -2.51 32.72
CA SER B 410 22.87 -2.60 33.73
C SER B 410 24.21 -2.12 33.17
N LEU B 411 24.43 -2.40 31.89
CA LEU B 411 25.66 -1.97 31.22
C LEU B 411 25.73 -0.45 31.17
N ILE B 412 24.58 0.19 30.97
CA ILE B 412 24.51 1.64 30.97
C ILE B 412 24.85 2.20 32.34
N LEU B 413 24.28 1.61 33.38
CA LEU B 413 24.56 2.00 34.76
C LEU B 413 26.02 1.79 35.10
N LYS B 414 26.59 0.71 34.58
CA LYS B 414 28.00 0.40 34.77
C LYS B 414 28.88 1.49 34.17
N THR B 415 28.53 1.92 32.96
CA THR B 415 29.26 2.96 32.26
C THR B 415 29.21 4.28 33.04
N TYR B 416 28.07 4.53 33.68
CA TYR B 416 27.92 5.71 34.54
C TYR B 416 28.90 5.66 35.70
N SER B 417 29.02 4.49 36.33
CA SER B 417 29.90 4.31 37.48
C SER B 417 31.37 4.51 37.08
N VAL B 418 31.74 3.98 35.92
CA VAL B 418 33.10 4.11 35.42
C VAL B 418 33.41 5.57 35.11
N ILE B 419 32.45 6.25 34.51
CA ILE B 419 32.58 7.68 34.22
C ILE B 419 32.74 8.48 35.51
N GLY B 420 31.93 8.17 36.51
CA GLY B 420 32.00 8.86 37.79
C GLY B 420 33.32 8.63 38.51
N ALA B 421 33.81 7.39 38.46
CA ALA B 421 35.07 7.02 39.10
C ALA B 421 36.26 7.61 38.34
N TYR B 422 36.03 7.96 37.08
CA TYR B 422 37.07 8.50 36.22
C TYR B 422 37.49 9.90 36.67
N ILE B 423 36.68 10.51 37.53
CA ILE B 423 36.99 11.82 38.08
C ILE B 423 37.10 11.77 39.60
N LEU B 447 29.58 20.65 27.04
CA LEU B 447 28.32 21.38 27.11
C LEU B 447 27.62 21.34 25.76
N SER B 448 28.38 21.57 24.70
CA SER B 448 27.85 21.54 23.34
C SER B 448 27.43 20.12 22.94
N ILE B 449 27.98 19.15 23.65
CA ILE B 449 27.72 17.74 23.36
C ILE B 449 26.52 17.21 24.13
N VAL B 450 26.34 17.71 25.34
CA VAL B 450 25.24 17.27 26.19
C VAL B 450 23.98 18.10 25.98
N GLU B 451 24.13 19.21 25.25
CA GLU B 451 23.00 20.09 24.96
C GLU B 451 21.88 19.40 24.16
N PRO B 452 22.22 18.62 23.11
CA PRO B 452 21.12 17.95 22.41
C PRO B 452 20.44 16.89 23.26
N SER B 453 21.14 16.37 24.25
CA SER B 453 20.57 15.35 25.14
C SER B 453 19.45 15.93 25.98
N LEU B 454 19.64 17.16 26.47
CA LEU B 454 18.61 17.83 27.25
C LEU B 454 17.42 18.22 26.38
N GLN B 455 17.72 18.69 25.17
CA GLN B 455 16.67 19.11 24.24
C GLN B 455 15.77 17.94 23.84
N ARG B 456 16.36 16.76 23.70
CA ARG B 456 15.61 15.57 23.34
C ARG B 456 14.69 15.15 24.48
N ILE B 457 15.19 15.25 25.71
CA ILE B 457 14.44 14.87 26.89
C ILE B 457 13.33 15.88 27.20
N GLN B 458 13.61 17.15 26.96
CA GLN B 458 12.62 18.21 27.19
C GLN B 458 11.42 18.08 26.25
N LYS B 459 11.67 17.58 25.04
CA LYS B 459 10.59 17.35 24.08
C LYS B 459 9.81 16.09 24.45
N HIS B 460 10.47 15.19 25.17
CA HIS B 460 9.84 13.98 25.66
C HIS B 460 8.91 14.31 26.83
N LEU B 461 9.16 15.46 27.46
CA LEU B 461 8.37 15.92 28.60
C LEU B 461 7.12 16.67 28.17
N ASP B 462 7.12 17.17 26.94
CA ASP B 462 6.00 17.98 26.44
C ASP B 462 5.03 17.13 25.61
N GLN B 463 5.21 15.82 25.66
CA GLN B 463 4.32 14.91 24.95
C GLN B 463 3.34 14.23 25.89
N THR B 464 2.35 13.55 25.32
CA THR B 464 1.40 12.79 26.10
C THR B 464 2.02 11.46 26.52
N HIS B 465 1.98 11.17 27.81
CA HIS B 465 2.67 9.99 28.35
C HIS B 465 1.72 8.84 28.65
N SER B 466 2.28 7.63 28.66
CA SER B 466 1.54 6.43 29.00
C SER B 466 2.24 5.70 30.14
N PHE B 467 1.70 4.55 30.53
CA PHE B 467 2.34 3.72 31.54
C PHE B 467 3.64 3.14 30.99
N SER B 468 3.73 3.09 29.67
CA SER B 468 4.92 2.57 28.99
C SER B 468 6.11 3.51 29.14
N ASP B 469 5.83 4.76 29.53
CA ASP B 469 6.86 5.79 29.57
C ASP B 469 7.55 5.91 30.93
N ILE B 470 7.05 5.17 31.92
CA ILE B 470 7.57 5.26 33.28
C ILE B 470 9.04 4.84 33.36
N GLY B 471 9.35 3.68 32.78
CA GLY B 471 10.72 3.20 32.75
C GLY B 471 11.60 4.12 31.92
N SER B 472 10.99 4.80 30.95
CA SER B 472 11.71 5.75 30.11
C SER B 472 12.06 7.02 30.88
N LEU B 473 11.10 7.53 31.64
CA LEU B 473 11.28 8.76 32.39
C LEU B 473 12.27 8.59 33.54
N MET B 474 12.32 7.39 34.11
CA MET B 474 13.25 7.09 35.19
C MET B 474 14.69 7.18 34.71
N ARG B 475 14.97 6.56 33.57
CA ARG B 475 16.31 6.54 33.01
C ARG B 475 16.72 7.92 32.51
N ALA B 476 15.75 8.69 32.03
CA ALA B 476 16.00 10.06 31.60
C ALA B 476 16.42 10.92 32.80
N HIS B 477 15.76 10.69 33.93
CA HIS B 477 16.10 11.39 35.16
C HIS B 477 17.52 11.06 35.60
N LYS B 478 17.86 9.77 35.52
CA LYS B 478 19.19 9.30 35.86
C LYS B 478 20.25 9.94 34.96
N HIS B 479 19.90 10.12 33.70
CA HIS B 479 20.82 10.71 32.73
C HIS B 479 21.07 12.19 33.03
N LEU B 480 19.99 12.94 33.23
CA LEU B 480 20.09 14.35 33.59
C LEU B 480 20.84 14.53 34.90
N GLU B 481 20.65 13.58 35.80
CA GLU B 481 21.33 13.58 37.10
C GLU B 481 22.82 13.36 36.91
N THR B 482 23.16 12.46 35.98
CA THR B 482 24.56 12.15 35.69
C THR B 482 25.24 13.31 34.96
N LEU B 483 24.52 13.92 34.02
CA LEU B 483 25.03 15.08 33.31
C LEU B 483 25.34 16.22 34.28
N LEU B 484 24.44 16.42 35.24
CA LEU B 484 24.59 17.47 36.23
C LEU B 484 25.80 17.22 37.12
N GLU B 485 25.97 15.97 37.54
CA GLU B 485 27.09 15.59 38.40
C GLU B 485 28.42 15.80 37.68
N VAL B 486 28.50 15.32 36.44
CA VAL B 486 29.70 15.42 35.62
C VAL B 486 30.17 16.87 35.50
N LEU B 487 29.24 17.77 35.18
CA LEU B 487 29.55 19.17 34.96
C LEU B 487 30.14 19.86 36.20
N VAL B 488 29.49 19.67 37.34
CA VAL B 488 29.93 20.33 38.56
C VAL B 488 31.15 19.64 39.19
N THR B 489 31.38 18.39 38.83
CA THR B 489 32.53 17.66 39.35
C THR B 489 33.80 18.10 38.61
N LEU B 490 33.63 18.48 37.36
CA LEU B 490 34.75 18.96 36.55
C LEU B 490 35.21 20.34 37.01
N SER B 491 34.31 21.08 37.65
CA SER B 491 34.63 22.42 38.12
C SER B 491 35.45 22.39 39.41
N GLN B 492 35.45 21.23 40.07
CA GLN B 492 36.13 21.07 41.35
C GLN B 492 37.65 21.20 41.22
N GLN B 493 38.22 20.49 40.24
CA GLN B 493 39.67 20.53 40.05
C GLN B 493 40.03 20.86 38.60
N GLY B 494 39.10 21.48 37.89
CA GLY B 494 39.33 21.90 36.52
C GLY B 494 38.78 23.28 36.26
N GLN B 495 38.30 23.51 35.05
CA GLN B 495 37.70 24.80 34.68
C GLN B 495 36.47 25.07 35.52
N PRO B 496 36.43 26.23 36.18
CA PRO B 496 35.30 26.61 37.04
C PRO B 496 33.98 26.74 36.28
N VAL B 497 32.87 26.70 36.99
CA VAL B 497 31.55 26.83 36.36
C VAL B 497 31.40 28.20 35.72
N SER B 498 31.16 28.19 34.42
CA SER B 498 30.98 29.43 33.68
C SER B 498 29.51 29.87 33.69
N SER B 499 29.27 31.07 33.19
CA SER B 499 27.92 31.64 33.19
C SER B 499 26.96 30.81 32.33
N GLU B 500 27.52 30.13 31.34
CA GLU B 500 26.69 29.32 30.44
C GLU B 500 26.40 27.95 31.05
N THR B 501 27.41 27.38 31.70
CA THR B 501 27.26 26.10 32.37
C THR B 501 26.26 26.21 33.52
N TYR B 502 26.31 27.33 34.23
CA TYR B 502 25.43 27.57 35.37
C TYR B 502 23.96 27.58 34.97
N SER B 503 23.64 28.33 33.92
CA SER B 503 22.27 28.40 33.42
C SER B 503 21.82 27.05 32.91
N PHE B 504 22.77 26.24 32.44
CA PHE B 504 22.47 24.90 31.96
C PHE B 504 22.14 23.97 33.12
N LEU B 505 22.84 24.14 34.24
CA LEU B 505 22.60 23.32 35.43
C LEU B 505 21.17 23.48 35.93
N ASN B 506 20.68 24.73 35.91
CA ASN B 506 19.33 25.01 36.37
C ASN B 506 18.27 24.55 35.37
N ARG B 507 18.64 24.53 34.09
CA ARG B 507 17.74 23.99 33.07
C ARG B 507 17.62 22.48 33.23
N LEU B 508 18.72 21.85 33.65
CA LEU B 508 18.70 20.43 33.99
C LEU B 508 17.86 20.21 35.24
N ALA B 509 18.08 21.05 36.24
CA ALA B 509 17.40 20.95 37.52
C ALA B 509 15.88 21.12 37.36
N GLU B 510 15.49 22.01 36.45
CA GLU B 510 14.06 22.25 36.22
C GLU B 510 13.43 21.06 35.52
N ALA B 511 14.18 20.40 34.65
CA ALA B 511 13.69 19.22 33.95
C ALA B 511 13.57 18.03 34.90
N LYS B 512 14.48 17.96 35.87
CA LYS B 512 14.45 16.89 36.87
C LYS B 512 13.20 17.01 37.74
N VAL B 513 12.83 18.24 38.07
CA VAL B 513 11.64 18.50 38.87
C VAL B 513 10.38 18.09 38.10
N THR B 514 10.28 18.53 36.86
CA THR B 514 9.15 18.19 36.01
C THR B 514 9.08 16.68 35.77
N LEU B 515 10.24 16.06 35.66
CA LEU B 515 10.33 14.61 35.45
C LEU B 515 9.73 13.84 36.62
N SER B 516 10.01 14.30 37.84
CA SER B 516 9.54 13.62 39.04
C SER B 516 8.05 13.87 39.28
N GLN B 517 7.59 15.07 38.95
CA GLN B 517 6.18 15.42 39.08
C GLN B 517 5.32 14.56 38.16
N GLN B 518 5.79 14.39 36.93
CA GLN B 518 5.05 13.61 35.93
C GLN B 518 5.14 12.11 36.22
N LEU B 519 6.25 11.68 36.78
CA LEU B 519 6.46 10.26 37.05
C LEU B 519 5.61 9.79 38.22
N ASN B 520 5.38 10.67 39.19
CA ASN B 520 4.51 10.35 40.31
C ASN B 520 3.07 10.16 39.85
N THR B 521 2.62 11.04 38.96
CA THR B 521 1.26 10.97 38.43
C THR B 521 1.00 9.65 37.70
N LEU B 522 1.95 9.25 36.85
CA LEU B 522 1.81 8.02 36.06
C LEU B 522 1.66 6.77 36.92
N GLN B 523 2.44 6.69 38.00
CA GLN B 523 2.40 5.53 38.87
C GLN B 523 1.15 5.50 39.73
N GLN B 524 0.63 6.68 40.07
CA GLN B 524 -0.64 6.78 40.78
C GLN B 524 -1.77 6.30 39.87
N GLN B 525 -1.74 6.78 38.62
CA GLN B 525 -2.72 6.37 37.62
C GLN B 525 -2.59 4.89 37.30
N GLN B 526 -1.36 4.37 37.40
CA GLN B 526 -1.12 2.96 37.12
C GLN B 526 -1.71 2.07 38.21
N GLU B 527 -1.59 2.49 39.46
CA GLU B 527 -2.14 1.74 40.57
C GLU B 527 -3.66 1.74 40.51
N SER B 528 -4.22 2.86 40.08
CA SER B 528 -5.66 2.95 39.84
C SER B 528 -6.06 1.97 38.76
N ALA B 529 -5.35 2.03 37.64
CA ALA B 529 -5.61 1.13 36.51
C ALA B 529 -5.41 -0.33 36.90
N LYS B 530 -4.49 -0.58 37.81
CA LYS B 530 -4.21 -1.93 38.28
C LYS B 530 -5.35 -2.41 39.18
N ALA B 531 -5.97 -1.47 39.89
CA ALA B 531 -7.12 -1.78 40.72
C ALA B 531 -8.33 -2.16 39.87
N GLN B 532 -8.65 -1.34 38.87
CA GLN B 532 -9.79 -1.62 37.99
C GLN B 532 -9.56 -2.88 37.19
N LEU B 533 -8.29 -3.19 36.93
CA LEU B 533 -7.93 -4.39 36.20
C LEU B 533 -8.34 -5.64 36.97
N SER B 534 -8.06 -5.67 38.26
CA SER B 534 -8.39 -6.83 39.09
C SER B 534 -9.90 -6.94 39.28
N ILE B 535 -10.59 -5.80 39.33
CA ILE B 535 -12.03 -5.78 39.48
C ILE B 535 -12.70 -6.40 38.25
N LEU B 536 -12.16 -6.10 37.08
CA LEU B 536 -12.70 -6.58 35.82
C LEU B 536 -12.51 -8.09 35.65
N ILE B 537 -11.35 -8.58 36.06
CA ILE B 537 -11.04 -10.00 35.98
C ILE B 537 -11.99 -10.81 36.86
N ASN B 538 -12.39 -10.22 37.98
CA ASN B 538 -13.30 -10.87 38.92
C ASN B 538 -14.67 -11.17 38.32
N ARG B 539 -15.18 -10.22 37.52
CA ARG B 539 -16.50 -10.38 36.90
C ARG B 539 -16.52 -11.52 35.89
N SER B 540 -15.36 -11.77 35.27
CA SER B 540 -15.27 -12.78 34.21
C SER B 540 -15.41 -14.19 34.73
N GLY B 541 -15.18 -14.39 36.02
CA GLY B 541 -15.15 -15.70 36.64
C GLY B 541 -16.40 -16.56 36.42
N SER B 542 -17.52 -15.92 36.14
CA SER B 542 -18.78 -16.63 35.96
C SER B 542 -18.96 -17.20 34.56
N TRP B 543 -18.24 -16.62 33.58
CA TRP B 543 -18.41 -17.02 32.20
C TRP B 543 -17.11 -17.37 31.47
N ALA B 544 -15.97 -17.06 32.10
CA ALA B 544 -14.66 -17.16 31.44
C ALA B 544 -14.39 -18.54 30.83
N ASP B 545 -14.30 -19.55 31.68
CA ASP B 545 -13.90 -20.89 31.24
C ASP B 545 -14.93 -21.59 30.38
N VAL B 546 -16.21 -21.33 30.63
CA VAL B 546 -17.29 -21.91 29.84
C VAL B 546 -17.27 -21.34 28.41
N ALA B 547 -17.16 -20.02 28.31
CA ALA B 547 -17.12 -19.35 27.01
C ALA B 547 -15.84 -19.69 26.27
N ARG B 548 -14.77 -19.93 26.99
CA ARG B 548 -13.49 -20.30 26.38
C ARG B 548 -13.58 -21.67 25.73
N GLN B 549 -14.22 -22.61 26.40
CA GLN B 549 -14.38 -23.96 25.88
C GLN B 549 -15.27 -23.99 24.64
N SER B 550 -16.31 -23.15 24.64
CA SER B 550 -17.24 -23.09 23.53
C SER B 550 -16.57 -22.52 22.29
N LEU B 551 -15.83 -21.43 22.46
CA LEU B 551 -15.18 -20.77 21.33
C LEU B 551 -14.04 -21.62 20.77
N GLN B 552 -13.39 -22.39 21.65
CA GLN B 552 -12.33 -23.29 21.22
C GLN B 552 -12.92 -24.42 20.37
N ARG B 553 -14.08 -24.92 20.77
CA ARG B 553 -14.76 -25.96 20.01
C ARG B 553 -15.22 -25.42 18.65
N PHE B 554 -15.54 -24.13 18.61
CA PHE B 554 -15.95 -23.49 17.38
C PHE B 554 -14.76 -23.25 16.46
N ASP B 555 -13.64 -22.81 17.05
CA ASP B 555 -12.43 -22.53 16.29
C ASP B 555 -11.76 -23.81 15.81
N SER B 556 -12.16 -24.93 16.38
CA SER B 556 -11.62 -26.23 15.95
C SER B 556 -12.18 -26.62 14.59
N THR B 557 -13.32 -26.03 14.23
CA THR B 557 -13.93 -26.28 12.91
C THR B 557 -13.26 -25.45 11.83
N ARG B 558 -12.27 -24.65 12.24
CA ARG B 558 -11.48 -23.81 11.33
C ARG B 558 -12.37 -22.87 10.51
N PRO B 559 -12.96 -21.86 11.17
CA PRO B 559 -13.81 -20.91 10.45
C PRO B 559 -13.01 -20.01 9.49
N VAL B 560 -13.46 -19.93 8.24
CA VAL B 560 -12.78 -19.14 7.23
C VAL B 560 -13.73 -18.82 6.07
N VAL B 561 -13.61 -17.60 5.53
CA VAL B 561 -14.37 -17.22 4.34
C VAL B 561 -13.73 -17.80 3.09
N LYS B 562 -14.51 -18.51 2.29
CA LYS B 562 -13.99 -19.19 1.11
C LYS B 562 -14.15 -18.38 -0.17
N PHE B 563 -13.23 -18.61 -1.11
CA PHE B 563 -13.31 -18.02 -2.44
C PHE B 563 -14.38 -18.73 -3.27
N GLY B 564 -15.01 -18.00 -4.18
CA GLY B 564 -15.98 -18.59 -5.08
C GLY B 564 -17.37 -17.99 -4.98
N THR B 565 -18.30 -18.53 -5.76
CA THR B 565 -19.67 -18.04 -5.80
C THR B 565 -20.44 -18.44 -4.55
N GLU B 566 -21.61 -17.84 -4.37
CA GLU B 566 -22.46 -18.12 -3.22
C GLU B 566 -23.02 -19.54 -3.30
N GLN B 567 -23.19 -20.03 -4.53
CA GLN B 567 -23.67 -21.39 -4.74
C GLN B 567 -22.63 -22.39 -4.28
N TYR B 568 -21.38 -22.13 -4.67
CA TYR B 568 -20.27 -23.03 -4.37
C TYR B 568 -19.94 -23.05 -2.88
N THR B 569 -20.24 -21.96 -2.18
CA THR B 569 -19.91 -21.85 -0.77
C THR B 569 -21.14 -21.99 0.13
N ALA B 570 -22.28 -22.30 -0.47
CA ALA B 570 -23.56 -22.36 0.26
C ALA B 570 -23.54 -23.37 1.39
N ILE B 571 -23.26 -24.62 1.06
CA ILE B 571 -23.23 -25.70 2.05
C ILE B 571 -22.20 -25.41 3.13
N HIS B 572 -21.04 -24.91 2.71
CA HIS B 572 -19.95 -24.61 3.63
C HIS B 572 -20.29 -23.48 4.59
N ARG B 573 -20.97 -22.45 4.09
CA ARG B 573 -21.33 -21.29 4.90
C ARG B 573 -22.44 -21.61 5.91
N GLN B 574 -23.40 -22.42 5.50
CA GLN B 574 -24.53 -22.75 6.38
C GLN B 574 -24.10 -23.75 7.45
N MET B 575 -22.95 -24.39 7.22
CA MET B 575 -22.38 -25.28 8.22
C MET B 575 -21.78 -24.46 9.36
N MET B 576 -21.20 -23.32 9.01
CA MET B 576 -20.60 -22.41 9.99
C MET B 576 -21.68 -21.70 10.80
N ALA B 577 -22.75 -21.30 10.14
CA ALA B 577 -23.87 -20.64 10.81
C ALA B 577 -24.46 -21.57 11.86
N ALA B 578 -24.51 -22.86 11.53
CA ALA B 578 -25.00 -23.87 12.48
C ALA B 578 -24.05 -24.03 13.65
N HIS B 579 -22.75 -24.04 13.36
CA HIS B 579 -21.74 -24.15 14.41
C HIS B 579 -21.74 -22.90 15.29
N ALA B 580 -21.84 -21.74 14.67
CA ALA B 580 -21.87 -20.48 15.40
C ALA B 580 -23.11 -20.38 16.27
N ALA B 581 -24.22 -20.91 15.76
CA ALA B 581 -25.48 -20.91 16.50
C ALA B 581 -25.36 -21.73 17.77
N ILE B 582 -24.84 -22.95 17.64
CA ILE B 582 -24.63 -23.85 18.78
C ILE B 582 -23.77 -23.20 19.85
N THR B 583 -22.66 -22.60 19.42
CA THR B 583 -21.74 -21.93 20.33
C THR B 583 -22.41 -20.79 21.06
N LEU B 584 -23.29 -20.08 20.35
CA LEU B 584 -23.95 -18.90 20.90
C LEU B 584 -25.11 -19.28 21.81
N GLN B 585 -25.51 -20.55 21.77
CA GLN B 585 -26.56 -21.04 22.65
C GLN B 585 -25.97 -21.53 23.98
N GLU B 586 -24.71 -21.93 23.94
CA GLU B 586 -24.03 -22.42 25.13
C GLU B 586 -23.63 -21.26 26.05
N VAL B 587 -23.54 -20.07 25.49
CA VAL B 587 -23.17 -18.87 26.23
C VAL B 587 -24.33 -17.88 26.31
N SER B 588 -25.53 -18.38 26.03
CA SER B 588 -26.72 -17.53 25.92
C SER B 588 -27.10 -16.83 27.22
N GLU B 589 -26.52 -17.27 28.33
CA GLU B 589 -26.84 -16.70 29.63
C GLU B 589 -25.82 -15.65 30.06
N PHE B 590 -24.73 -15.51 29.31
CA PHE B 590 -23.70 -14.53 29.62
C PHE B 590 -23.58 -13.45 28.56
N THR B 591 -24.52 -13.42 27.62
CA THR B 591 -24.44 -12.54 26.46
C THR B 591 -24.50 -11.05 26.83
N ASP B 592 -25.07 -10.74 27.99
CA ASP B 592 -25.15 -9.35 28.45
C ASP B 592 -23.95 -8.98 29.32
N ASP B 593 -23.45 -9.95 30.08
CA ASP B 593 -22.26 -9.74 30.88
C ASP B 593 -21.06 -9.50 29.99
N MET B 594 -20.93 -10.33 28.95
CA MET B 594 -19.81 -10.22 28.02
C MET B 594 -19.88 -8.95 27.19
N ARG B 595 -21.09 -8.47 26.93
CA ARG B 595 -21.28 -7.24 26.17
C ARG B 595 -20.84 -6.03 27.00
N ASN B 596 -21.19 -6.05 28.28
CA ASN B 596 -20.80 -4.98 29.19
C ASN B 596 -19.33 -5.09 29.60
N PHE B 597 -18.81 -6.31 29.56
CA PHE B 597 -17.42 -6.57 29.94
C PHE B 597 -16.43 -5.89 29.00
N THR B 598 -16.70 -5.97 27.70
CA THR B 598 -15.80 -5.40 26.71
C THR B 598 -15.96 -3.89 26.61
N ALA B 599 -17.09 -3.37 27.07
CA ALA B 599 -17.33 -1.94 27.09
C ALA B 599 -16.42 -1.26 28.11
N ASP B 600 -15.97 -2.04 29.08
CA ASP B 600 -15.06 -1.53 30.11
C ASP B 600 -13.62 -1.97 29.86
N SER B 601 -13.44 -3.19 29.37
CA SER B 601 -12.11 -3.78 29.23
C SER B 601 -11.30 -3.18 28.07
N ILE B 602 -11.96 -2.93 26.95
CA ILE B 602 -11.29 -2.37 25.79
C ILE B 602 -10.68 -0.98 26.08
N PRO B 603 -11.47 -0.06 26.67
CA PRO B 603 -10.82 1.23 26.98
C PRO B 603 -9.67 1.10 27.97
N LEU B 604 -9.74 0.08 28.83
CA LEU B 604 -8.69 -0.15 29.81
C LEU B 604 -7.45 -0.76 29.14
N LEU B 605 -7.68 -1.65 28.19
CA LEU B 605 -6.59 -2.26 27.44
C LEU B 605 -5.82 -1.22 26.64
N ILE B 606 -6.53 -0.20 26.17
CA ILE B 606 -5.92 0.90 25.45
C ILE B 606 -5.01 1.70 26.37
N GLN B 607 -5.48 1.92 27.60
CA GLN B 607 -4.72 2.68 28.59
C GLN B 607 -3.49 1.91 29.06
N LEU B 608 -3.58 0.59 29.06
CA LEU B 608 -2.48 -0.26 29.50
C LEU B 608 -1.47 -0.50 28.38
N GLY B 609 -1.96 -0.50 27.14
CA GLY B 609 -1.11 -0.63 25.97
C GLY B 609 -0.63 -2.04 25.70
N ARG B 610 0.37 -2.15 24.83
CA ARG B 610 0.96 -3.45 24.48
C ARG B 610 2.46 -3.47 24.77
N SER B 611 2.99 -2.32 25.18
CA SER B 611 4.42 -2.19 25.44
C SER B 611 4.79 -2.83 26.78
N SER B 612 6.09 -3.00 27.00
CA SER B 612 6.59 -3.59 28.23
C SER B 612 6.45 -2.62 29.40
N LEU B 613 6.03 -3.15 30.55
CA LEU B 613 5.91 -2.36 31.76
C LEU B 613 6.83 -2.90 32.85
N MET B 614 7.23 -2.03 33.77
CA MET B 614 8.12 -2.43 34.86
C MET B 614 7.45 -3.45 35.76
N ASP B 615 6.20 -3.18 36.15
CA ASP B 615 5.42 -4.13 36.92
C ASP B 615 5.05 -5.31 36.03
N GLU B 616 5.78 -6.42 36.18
CA GLU B 616 5.58 -7.59 35.34
C GLU B 616 4.32 -8.35 35.71
N HIS B 617 3.90 -8.23 36.96
CA HIS B 617 2.64 -8.81 37.39
C HIS B 617 1.49 -8.10 36.70
N LEU B 618 1.64 -6.80 36.52
CA LEU B 618 0.66 -6.00 35.80
C LEU B 618 0.58 -6.42 34.34
N VAL B 619 1.74 -6.74 33.76
CA VAL B 619 1.82 -7.20 32.38
C VAL B 619 1.10 -8.53 32.21
N GLU B 620 1.35 -9.45 33.14
CA GLU B 620 0.73 -10.76 33.11
C GLU B 620 -0.79 -10.67 33.25
N GLN B 621 -1.24 -9.79 34.14
CA GLN B 621 -2.66 -9.58 34.36
C GLN B 621 -3.30 -8.87 33.17
N ARG B 622 -2.53 -8.00 32.53
CA ARG B 622 -3.01 -7.27 31.36
C ARG B 622 -3.31 -8.21 30.21
N GLU B 623 -2.49 -9.25 30.07
CA GLU B 623 -2.68 -10.24 29.02
C GLU B 623 -3.82 -11.19 29.39
N LYS B 624 -4.04 -11.36 30.68
CA LYS B 624 -5.17 -12.15 31.17
C LYS B 624 -6.47 -11.48 30.73
N LEU B 625 -6.52 -10.16 30.87
CA LEU B 625 -7.68 -9.37 30.46
C LEU B 625 -7.83 -9.37 28.94
N ARG B 626 -6.70 -9.29 28.23
CA ARG B 626 -6.71 -9.26 26.77
C ARG B 626 -7.29 -10.54 26.20
N GLU B 627 -6.94 -11.68 26.81
CA GLU B 627 -7.47 -12.96 26.37
C GLU B 627 -8.96 -13.09 26.71
N LEU B 628 -9.34 -12.60 27.88
CA LEU B 628 -10.75 -12.59 28.27
C LEU B 628 -11.57 -11.69 27.35
N THR B 629 -11.00 -10.53 27.01
CA THR B 629 -11.65 -9.58 26.11
C THR B 629 -11.82 -10.18 24.73
N THR B 630 -10.79 -10.86 24.24
CA THR B 630 -10.82 -11.52 22.94
C THR B 630 -11.96 -12.53 22.86
N ILE B 631 -12.10 -13.34 23.91
CA ILE B 631 -13.17 -14.31 23.98
C ILE B 631 -14.54 -13.63 23.98
N ALA B 632 -14.69 -12.63 24.84
CA ALA B 632 -15.97 -11.96 25.02
C ALA B 632 -16.42 -11.19 23.79
N GLU B 633 -15.50 -10.44 23.18
CA GLU B 633 -15.84 -9.59 22.04
C GLU B 633 -16.14 -10.40 20.78
N ARG B 634 -15.45 -11.52 20.59
CA ARG B 634 -15.70 -12.38 19.45
C ARG B 634 -17.08 -13.00 19.52
N LEU B 635 -17.48 -13.44 20.73
CA LEU B 635 -18.80 -14.01 20.93
C LEU B 635 -19.88 -12.96 20.73
N ASN B 636 -19.56 -11.72 21.08
CA ASN B 636 -20.48 -10.61 20.86
C ASN B 636 -20.69 -10.32 19.38
N ARG B 637 -19.71 -10.71 18.55
CA ARG B 637 -19.77 -10.44 17.12
C ARG B 637 -20.02 -11.69 16.29
N LEU B 638 -20.05 -12.84 16.96
CA LEU B 638 -20.11 -14.13 16.28
C LEU B 638 -21.31 -14.29 15.34
N GLU B 639 -22.46 -13.74 15.74
CA GLU B 639 -23.66 -13.84 14.92
C GLU B 639 -23.52 -13.04 13.62
N ARG B 640 -22.96 -11.84 13.73
CA ARG B 640 -22.78 -10.98 12.56
C ARG B 640 -21.69 -11.50 11.63
N GLU B 641 -20.76 -12.28 12.17
CA GLU B 641 -19.61 -12.75 11.40
C GLU B 641 -19.92 -14.01 10.59
N TRP B 642 -20.75 -14.89 11.13
CA TRP B 642 -20.95 -16.20 10.52
C TRP B 642 -22.42 -16.59 10.35
N MET B 643 -23.32 -15.69 10.74
CA MET B 643 -24.75 -15.96 10.59
C MET B 643 -25.45 -14.81 9.88
PG ATP C . -19.69 2.46 -12.75
O1G ATP C . -21.01 2.67 -12.06
O2G ATP C . -19.77 2.41 -14.26
O3G ATP C . -18.58 3.35 -12.21
PB ATP C . -20.21 -0.30 -12.52
O1B ATP C . -19.38 -1.46 -13.00
O2B ATP C . -21.44 0.11 -13.28
O3B ATP C . -19.25 0.98 -12.31
PA ATP C . -21.48 -1.77 -10.45
O1A ATP C . -21.61 -2.80 -11.56
O2A ATP C . -22.73 -1.21 -9.80
O3A ATP C . -20.62 -0.54 -10.98
O5' ATP C . -20.55 -2.37 -9.27
C5' ATP C . -19.21 -2.78 -9.56
C4' ATP C . -18.36 -2.60 -8.31
O4' ATP C . -19.12 -2.91 -7.14
C3' ATP C . -17.14 -3.51 -8.33
O3' ATP C . -15.97 -2.71 -8.17
C2' ATP C . -17.29 -4.39 -7.11
O2' ATP C . -16.04 -4.54 -6.43
C1' ATP C . -18.30 -3.66 -6.24
N9 ATP C . -19.13 -4.61 -5.44
C8 ATP C . -20.01 -5.50 -5.91
N7 ATP C . -20.59 -6.20 -4.90
C5 ATP C . -20.06 -5.74 -3.74
C6 ATP C . -20.20 -6.04 -2.30
N6 ATP C . -21.07 -6.99 -1.87
N1 ATP C . -19.46 -5.32 -1.42
C2 ATP C . -18.59 -4.38 -1.84
N3 ATP C . -18.41 -4.05 -3.14
C4 ATP C . -19.09 -4.70 -4.11
CA CA D . -23.11 1.92 -13.17
#